data_3E3P
#
_entry.id   3E3P
#
_cell.length_a   70.205
_cell.length_b   155.717
_cell.length_c   158.768
_cell.angle_alpha   90.00
_cell.angle_beta   90.00
_cell.angle_gamma   90.00
#
_symmetry.space_group_name_H-M   'C 2 2 21'
#
loop_
_entity.id
_entity.type
_entity.pdbx_description
1 polymer 'Protein kinase, putative Glycogen synthase kinase'
2 water water
#
_entity_poly.entity_id   1
_entity_poly.type   'polypeptide(L)'
_entity_poly.pdbx_seq_one_letter_code
;GPGSMMSLNAAAAADERSRKEMDRFQVERMAGQGTFGTVQLGKEKSTGMSVAIKKVIQDPRFRNRELQIMQDLAVLHHPN
IVQLQSYFYTLGERDRRDIYLNVVMEYVPDTLHRCCRNYYRRQVAPPPILIKVFLFQLIRSIGCLHLPSVNVCHRDIKPH
NVLVNEADGTLKLCDFGSAKKLSPSEPNVAYICSRYYRAPELIFGNQHYTTAVDIWSVGCIFAEMMLGEPIFRGDNSAGQ
LHEIVRVLGCPSREVLRKLNPSHTDVDLYNSKGIPWSNVFSDHSLKDAKEAYDLLSALLQYLPEERMKPYEALCHPYFDE
LHDPATKLPNNKDLPEDLFRFLPNEIEVMSEAQKAKLVRK
;
_entity_poly.pdbx_strand_id   A,B
#
# COMPACT_ATOMS: atom_id res chain seq x y z
N ALA A 12 -23.98 -25.53 10.52
CA ALA A 12 -23.38 -24.36 11.23
C ALA A 12 -22.28 -24.82 12.17
N ALA A 13 -22.63 -25.26 13.38
CA ALA A 13 -21.65 -25.62 14.41
C ALA A 13 -20.68 -26.68 13.91
N ALA A 14 -19.44 -26.67 14.40
CA ALA A 14 -18.43 -27.65 14.00
C ALA A 14 -18.03 -28.52 15.19
N ASP A 15 -18.80 -28.43 16.27
CA ASP A 15 -18.39 -29.01 17.54
C ASP A 15 -19.60 -29.00 18.47
N GLU A 16 -19.64 -29.92 19.42
CA GLU A 16 -20.69 -29.94 20.44
C GLU A 16 -20.49 -28.76 21.41
N ARG A 17 -19.22 -28.46 21.69
CA ARG A 17 -18.84 -27.31 22.52
C ARG A 17 -19.28 -25.99 21.87
N SER A 18 -19.02 -25.86 20.58
CA SER A 18 -19.44 -24.71 19.79
C SER A 18 -20.97 -24.56 19.71
N ARG A 19 -21.68 -25.69 19.62
CA ARG A 19 -23.14 -25.65 19.58
C ARG A 19 -23.68 -25.17 20.94
N LYS A 20 -23.10 -25.67 22.03
CA LYS A 20 -23.44 -25.20 23.37
C LYS A 20 -23.21 -23.68 23.53
N GLU A 21 -22.05 -23.20 23.09
CA GLU A 21 -21.72 -21.78 23.23
C GLU A 21 -22.62 -20.95 22.33
N MET A 22 -22.94 -21.43 21.13
CA MET A 22 -23.83 -20.72 20.22
C MET A 22 -25.23 -20.49 20.84
N ASP A 23 -25.73 -21.51 21.51
CA ASP A 23 -27.06 -21.45 22.13
C ASP A 23 -27.09 -20.58 23.40
N ARG A 24 -25.93 -20.03 23.78
CA ARG A 24 -25.82 -19.14 24.93
C ARG A 24 -26.26 -17.71 24.55
N PHE A 25 -26.34 -17.45 23.24
CA PHE A 25 -26.59 -16.13 22.68
C PHE A 25 -27.70 -16.15 21.64
N GLN A 26 -28.37 -15.01 21.49
CA GLN A 26 -29.37 -14.83 20.43
C GLN A 26 -28.97 -13.67 19.54
N VAL A 27 -29.08 -13.87 18.24
CA VAL A 27 -28.60 -12.90 17.25
C VAL A 27 -29.74 -12.08 16.65
N GLU A 28 -29.51 -10.77 16.52
CA GLU A 28 -30.50 -9.83 15.98
C GLU A 28 -30.06 -9.31 14.61
N VAL A 39 -19.46 -8.62 11.27
CA VAL A 39 -19.82 -8.75 12.68
C VAL A 39 -21.33 -8.87 12.83
N GLN A 40 -21.75 -9.74 13.76
CA GLN A 40 -23.16 -9.92 14.10
C GLN A 40 -23.39 -9.43 15.51
N LEU A 41 -24.50 -8.74 15.70
CA LEU A 41 -24.87 -8.21 17.02
C LEU A 41 -25.95 -9.09 17.65
N GLY A 42 -25.90 -9.22 18.97
CA GLY A 42 -26.89 -9.99 19.70
C GLY A 42 -26.75 -9.80 21.20
N LYS A 43 -27.39 -10.68 21.96
CA LYS A 43 -27.34 -10.58 23.42
C LYS A 43 -27.22 -11.94 24.11
N GLU A 44 -26.53 -11.94 25.25
CA GLU A 44 -26.43 -13.13 26.08
C GLU A 44 -27.81 -13.44 26.62
N LYS A 45 -28.46 -14.45 26.05
CA LYS A 45 -29.80 -14.88 26.49
C LYS A 45 -29.91 -14.96 28.01
N SER A 46 -28.81 -15.37 28.65
CA SER A 46 -28.75 -15.46 30.12
C SER A 46 -28.89 -14.11 30.83
N THR A 47 -27.82 -13.31 30.84
CA THR A 47 -27.74 -12.08 31.64
C THR A 47 -28.32 -10.82 30.95
N GLY A 48 -28.66 -10.94 29.66
CA GLY A 48 -29.18 -9.81 28.90
C GLY A 48 -28.13 -8.91 28.26
N MET A 49 -26.86 -9.12 28.60
CA MET A 49 -25.74 -8.33 28.09
C MET A 49 -25.66 -8.34 26.56
N SER A 50 -25.40 -7.18 25.97
CA SER A 50 -25.20 -7.08 24.53
C SER A 50 -23.79 -7.51 24.14
N VAL A 51 -23.69 -8.12 22.97
CA VAL A 51 -22.47 -8.74 22.51
C VAL A 51 -22.36 -8.62 21.00
N ALA A 52 -21.12 -8.67 20.52
CA ALA A 52 -20.86 -8.75 19.08
C ALA A 52 -20.07 -10.03 18.79
N ILE A 53 -20.30 -10.58 17.60
CA ILE A 53 -19.68 -11.83 17.18
C ILE A 53 -18.82 -11.62 15.95
N LYS A 54 -17.51 -11.65 16.13
CA LYS A 54 -16.58 -11.59 15.00
C LYS A 54 -16.29 -13.00 14.51
N LYS A 55 -16.34 -13.18 13.20
CA LYS A 55 -16.13 -14.47 12.57
C LYS A 55 -14.91 -14.39 11.67
N VAL A 56 -13.93 -15.26 11.89
CA VAL A 56 -12.70 -15.24 11.10
C VAL A 56 -12.22 -16.66 10.78
N ILE A 57 -11.80 -16.86 9.53
CA ILE A 57 -11.37 -18.17 9.06
C ILE A 57 -10.26 -18.76 9.92
N GLN A 58 -10.32 -20.07 10.10
CA GLN A 58 -9.24 -20.81 10.75
C GLN A 58 -8.45 -21.45 9.63
N ASP A 59 -7.14 -21.28 9.71
CA ASP A 59 -6.22 -21.91 8.77
C ASP A 59 -5.52 -23.01 9.56
N PRO A 60 -5.46 -24.23 9.00
CA PRO A 60 -4.75 -25.28 9.72
C PRO A 60 -3.32 -24.88 10.10
N ARG A 61 -2.66 -24.08 9.27
CA ARG A 61 -1.27 -23.67 9.50
C ARG A 61 -1.06 -22.67 10.64
N PHE A 62 -2.13 -21.99 11.05
CA PHE A 62 -2.02 -20.79 11.87
C PHE A 62 -2.90 -20.79 13.10
N ARG A 63 -2.42 -20.17 14.18
CA ARG A 63 -3.29 -19.83 15.29
C ARG A 63 -3.61 -18.31 15.30
N ASN A 64 -4.84 -17.99 15.66
CA ASN A 64 -5.38 -16.62 15.66
C ASN A 64 -4.86 -15.77 16.83
N ARG A 65 -4.25 -14.62 16.55
CA ARG A 65 -3.72 -13.75 17.60
C ARG A 65 -4.80 -13.10 18.46
N GLU A 66 -5.87 -12.64 17.81
CA GLU A 66 -6.95 -11.89 18.46
C GLU A 66 -7.46 -12.64 19.65
N LEU A 67 -7.84 -13.91 19.41
CA LEU A 67 -8.33 -14.78 20.49
C LEU A 67 -7.40 -14.84 21.70
N GLN A 68 -6.11 -15.08 21.49
CA GLN A 68 -5.16 -15.17 22.60
C GLN A 68 -5.02 -13.84 23.33
N ILE A 69 -4.95 -12.78 22.54
CA ILE A 69 -4.89 -11.42 23.08
C ILE A 69 -6.11 -11.13 23.96
N MET A 70 -7.28 -11.41 23.42
CA MET A 70 -8.53 -11.20 24.15
C MET A 70 -8.58 -12.05 25.41
N GLN A 71 -8.03 -13.27 25.35
CA GLN A 71 -8.05 -14.18 26.50
C GLN A 71 -7.09 -13.70 27.59
N ASP A 72 -5.95 -13.15 27.17
CA ASP A 72 -4.99 -12.52 28.10
C ASP A 72 -5.59 -11.29 28.78
N LEU A 73 -6.28 -10.49 27.99
CA LEU A 73 -6.90 -9.26 28.51
C LEU A 73 -8.04 -9.55 29.47
N ALA A 74 -8.83 -10.58 29.19
CA ALA A 74 -9.98 -10.97 30.02
C ALA A 74 -9.58 -11.29 31.46
N VAL A 75 -8.35 -11.76 31.66
CA VAL A 75 -7.87 -12.09 32.99
C VAL A 75 -7.75 -10.81 33.82
N LEU A 76 -7.43 -9.70 33.17
CA LEU A 76 -7.32 -8.39 33.82
C LEU A 76 -8.68 -7.70 34.04
N HIS A 77 -9.58 -7.87 33.08
CA HIS A 77 -10.88 -7.18 33.06
C HIS A 77 -10.74 -5.68 33.38
N HIS A 78 -10.22 -4.95 32.40
CA HIS A 78 -9.97 -3.52 32.53
C HIS A 78 -11.28 -2.76 32.27
N PRO A 79 -11.54 -1.67 33.03
CA PRO A 79 -12.79 -0.93 32.80
C PRO A 79 -12.87 -0.27 31.43
N ASN A 80 -11.72 -0.06 30.78
CA ASN A 80 -11.69 0.63 29.49
C ASN A 80 -11.34 -0.24 28.27
N ILE A 81 -11.49 -1.55 28.44
CA ILE A 81 -11.26 -2.53 27.38
C ILE A 81 -12.48 -3.47 27.35
N VAL A 82 -13.01 -3.73 26.14
CA VAL A 82 -14.13 -4.65 25.99
C VAL A 82 -13.70 -6.07 26.39
N GLN A 83 -14.65 -6.82 26.96
CA GLN A 83 -14.36 -8.12 27.58
C GLN A 83 -14.84 -9.29 26.73
N LEU A 84 -13.97 -10.28 26.59
CA LEU A 84 -14.27 -11.53 25.89
C LEU A 84 -15.32 -12.28 26.67
N GLN A 85 -16.36 -12.75 25.98
CA GLN A 85 -17.43 -13.49 26.63
C GLN A 85 -17.27 -15.00 26.34
N SER A 86 -17.12 -15.32 25.05
CA SER A 86 -16.76 -16.67 24.63
C SER A 86 -16.31 -16.74 23.16
N TYR A 87 -15.80 -17.91 22.79
CA TYR A 87 -15.45 -18.20 21.40
C TYR A 87 -15.98 -19.57 21.03
N PHE A 88 -16.26 -19.77 19.75
CA PHE A 88 -16.77 -21.03 19.27
C PHE A 88 -16.55 -21.12 17.77
N TYR A 89 -16.66 -22.33 17.24
CA TYR A 89 -16.32 -22.61 15.85
C TYR A 89 -17.53 -23.09 15.06
N THR A 90 -17.50 -22.84 13.75
CA THR A 90 -18.58 -23.14 12.84
C THR A 90 -18.04 -23.44 11.45
N LEU A 91 -18.81 -24.16 10.62
CA LEU A 91 -18.36 -24.48 9.26
C LEU A 91 -18.66 -23.37 8.25
N GLY A 92 -18.10 -23.50 7.04
CA GLY A 92 -18.31 -22.50 5.97
C GLY A 92 -19.53 -22.79 5.11
N GLU A 93 -19.88 -21.84 4.24
CA GLU A 93 -21.02 -21.99 3.33
C GLU A 93 -20.56 -22.38 1.93
N ARG A 94 -19.67 -21.58 1.34
CA ARG A 94 -19.06 -21.90 0.04
C ARG A 94 -18.18 -23.16 0.10
N ASP A 95 -17.75 -23.53 1.32
CA ASP A 95 -16.96 -24.73 1.55
C ASP A 95 -17.11 -25.22 3.00
N ARG A 96 -17.84 -26.32 3.20
CA ARG A 96 -18.02 -26.92 4.53
C ARG A 96 -16.71 -27.47 5.13
N ARG A 97 -15.66 -27.58 4.30
CA ARG A 97 -14.33 -27.98 4.76
C ARG A 97 -13.75 -26.94 5.71
N ASP A 98 -13.90 -25.66 5.34
CA ASP A 98 -13.41 -24.52 6.14
C ASP A 98 -14.10 -24.39 7.51
N ILE A 99 -13.28 -24.20 8.54
CA ILE A 99 -13.78 -23.91 9.88
C ILE A 99 -13.61 -22.40 10.10
N TYR A 100 -14.51 -21.80 10.85
CA TYR A 100 -14.45 -20.37 11.18
C TYR A 100 -14.48 -20.17 12.68
N LEU A 101 -13.57 -19.39 13.22
CA LEU A 101 -13.59 -19.01 14.64
C LEU A 101 -14.59 -17.86 14.81
N ASN A 102 -15.36 -17.92 15.89
CA ASN A 102 -16.33 -16.88 16.20
C ASN A 102 -15.99 -16.40 17.59
N VAL A 103 -15.63 -15.12 17.68
CA VAL A 103 -15.28 -14.48 18.95
C VAL A 103 -16.46 -13.60 19.40
N VAL A 104 -16.85 -13.75 20.66
CA VAL A 104 -17.96 -13.00 21.21
C VAL A 104 -17.45 -12.08 22.32
N MET A 105 -17.60 -10.77 22.09
CA MET A 105 -17.16 -9.72 23.02
C MET A 105 -18.34 -8.94 23.54
N GLU A 106 -18.19 -8.37 24.75
CA GLU A 106 -19.17 -7.43 25.28
C GLU A 106 -19.22 -6.24 24.32
N TYR A 107 -20.41 -5.69 24.13
CA TYR A 107 -20.60 -4.69 23.11
C TYR A 107 -21.65 -3.66 23.49
N VAL A 108 -21.56 -2.49 22.88
CA VAL A 108 -22.55 -1.45 23.06
C VAL A 108 -22.69 -0.71 21.72
N PRO A 109 -23.91 -0.24 21.41
CA PRO A 109 -24.12 0.30 20.06
C PRO A 109 -23.49 1.67 19.79
N ASP A 110 -23.24 2.47 20.82
CA ASP A 110 -22.67 3.81 20.59
C ASP A 110 -21.14 3.81 20.52
N THR A 111 -20.61 4.34 19.43
CA THR A 111 -19.19 4.50 19.23
C THR A 111 -18.84 5.96 19.46
N LEU A 112 -17.55 6.21 19.70
CA LEU A 112 -17.03 7.56 19.85
C LEU A 112 -17.31 8.36 18.58
N HIS A 113 -17.24 7.72 17.42
CA HIS A 113 -17.50 8.38 16.15
C HIS A 113 -18.93 8.91 16.06
N ARG A 114 -19.89 8.02 16.28
CA ARG A 114 -21.31 8.40 16.32
C ARG A 114 -21.59 9.48 17.36
N CYS A 115 -21.05 9.29 18.56
CA CYS A 115 -21.24 10.22 19.65
C CYS A 115 -20.82 11.63 19.24
N CYS A 116 -19.61 11.77 18.70
CA CYS A 116 -19.08 13.07 18.31
C CYS A 116 -19.82 13.63 17.09
N ARG A 117 -20.13 12.77 16.12
CA ARG A 117 -20.81 13.20 14.90
CA ARG A 117 -20.81 13.20 14.90
C ARG A 117 -22.19 13.79 15.21
N ASN A 118 -22.86 13.25 16.25
CA ASN A 118 -24.17 13.74 16.65
C ASN A 118 -24.17 15.19 17.13
N TYR A 119 -23.09 15.61 17.79
CA TYR A 119 -22.92 17.02 18.13
C TYR A 119 -22.60 17.86 16.89
N TYR A 120 -21.55 17.49 16.17
CA TYR A 120 -21.09 18.31 15.06
C TYR A 120 -22.13 18.45 13.97
N ARG A 121 -23.02 17.48 13.87
CA ARG A 121 -24.12 17.53 12.90
C ARG A 121 -25.13 18.64 13.27
N ARG A 122 -25.15 19.03 14.53
CA ARG A 122 -26.02 20.12 15.01
C ARG A 122 -25.24 21.42 15.20
N GLN A 123 -24.10 21.52 14.54
CA GLN A 123 -23.21 22.68 14.61
C GLN A 123 -22.76 23.01 16.02
N VAL A 124 -22.61 22.01 16.87
CA VAL A 124 -22.00 22.23 18.18
C VAL A 124 -20.95 21.15 18.40
N ALA A 125 -20.19 21.31 19.47
CA ALA A 125 -19.16 20.37 19.81
C ALA A 125 -19.52 19.62 21.10
N PRO A 126 -19.00 18.40 21.24
CA PRO A 126 -19.26 17.70 22.48
C PRO A 126 -18.71 18.47 23.68
N PRO A 127 -19.41 18.39 24.83
CA PRO A 127 -18.98 19.16 26.01
C PRO A 127 -17.50 18.94 26.30
N PRO A 128 -16.77 20.02 26.60
CA PRO A 128 -15.37 19.86 26.92
C PRO A 128 -15.05 18.79 27.93
N ILE A 129 -15.89 18.58 28.93
CA ILE A 129 -15.54 17.66 30.04
C ILE A 129 -15.70 16.20 29.60
N LEU A 130 -16.57 16.01 28.61
CA LEU A 130 -16.77 14.72 27.99
C LEU A 130 -15.53 14.39 27.16
N ILE A 131 -15.15 15.33 26.28
CA ILE A 131 -13.92 15.23 25.53
C ILE A 131 -12.76 14.90 26.49
N LYS A 132 -12.71 15.54 27.64
CA LYS A 132 -11.63 15.32 28.60
C LYS A 132 -11.70 13.96 29.30
N VAL A 133 -12.90 13.54 29.69
CA VAL A 133 -13.08 12.26 30.40
C VAL A 133 -12.91 11.08 29.45
N PHE A 134 -13.35 11.25 28.19
CA PHE A 134 -13.16 10.23 27.17
C PHE A 134 -11.69 9.98 26.87
N LEU A 135 -10.92 11.07 26.71
CA LEU A 135 -9.51 10.98 26.43
C LEU A 135 -8.75 10.30 27.55
N PHE A 136 -9.03 10.70 28.80
CA PHE A 136 -8.39 10.08 29.95
C PHE A 136 -8.52 8.55 29.92
N GLN A 137 -9.71 8.08 29.56
CA GLN A 137 -10.01 6.66 29.53
C GLN A 137 -9.34 5.95 28.33
N LEU A 138 -9.35 6.59 27.16
CA LEU A 138 -8.61 6.11 26.00
C LEU A 138 -7.12 5.97 26.32
N ILE A 139 -6.53 7.00 26.92
CA ILE A 139 -5.14 6.92 27.35
C ILE A 139 -4.96 5.77 28.34
N ARG A 140 -5.95 5.56 29.20
CA ARG A 140 -5.94 4.45 30.17
C ARG A 140 -5.92 3.08 29.50
N SER A 141 -6.73 2.89 28.47
CA SER A 141 -6.77 1.62 27.78
C SER A 141 -5.42 1.23 27.20
N ILE A 142 -4.71 2.15 26.55
CA ILE A 142 -3.38 1.83 25.99
C ILE A 142 -2.29 1.78 27.07
N GLY A 143 -2.47 2.48 28.18
CA GLY A 143 -1.53 2.36 29.31
C GLY A 143 -1.40 0.91 29.75
N CYS A 144 -2.54 0.25 29.93
CA CYS A 144 -2.60 -1.17 30.31
C CYS A 144 -2.12 -2.09 29.18
N LEU A 145 -2.61 -1.86 27.96
CA LEU A 145 -2.18 -2.65 26.83
C LEU A 145 -0.67 -2.66 26.69
N HIS A 146 -0.06 -1.51 26.93
CA HIS A 146 1.38 -1.35 26.70
C HIS A 146 2.23 -1.80 27.88
N LEU A 147 1.61 -2.27 28.95
CA LEU A 147 2.37 -2.78 30.09
C LEU A 147 3.30 -3.88 29.60
N PRO A 148 4.53 -3.95 30.16
CA PRO A 148 5.45 -5.04 29.84
C PRO A 148 4.81 -6.42 30.06
N SER A 149 4.06 -6.52 31.16
CA SER A 149 3.29 -7.70 31.51
C SER A 149 2.31 -8.11 30.41
N VAL A 150 1.73 -7.12 29.72
CA VAL A 150 0.68 -7.37 28.73
C VAL A 150 1.14 -7.22 27.28
N ASN A 151 1.83 -6.12 27.01
CA ASN A 151 2.48 -5.86 25.72
C ASN A 151 1.64 -6.06 24.46
N VAL A 152 0.42 -5.54 24.47
CA VAL A 152 -0.44 -5.59 23.28
C VAL A 152 -0.38 -4.25 22.53
N CYS A 153 -0.11 -4.31 21.23
CA CYS A 153 -0.22 -3.14 20.40
C CYS A 153 -1.49 -3.29 19.58
N HIS A 154 -2.43 -2.34 19.73
CA HIS A 154 -3.74 -2.42 19.06
C HIS A 154 -3.61 -2.33 17.54
N ARG A 155 -2.86 -1.33 17.08
CA ARG A 155 -2.54 -1.11 15.68
C ARG A 155 -3.67 -0.57 14.79
N ASP A 156 -4.83 -0.29 15.35
CA ASP A 156 -5.90 0.32 14.55
C ASP A 156 -6.85 1.08 15.48
N ILE A 157 -6.28 1.83 16.43
CA ILE A 157 -7.08 2.67 17.33
C ILE A 157 -7.73 3.81 16.52
N LYS A 158 -9.06 3.85 16.50
CA LYS A 158 -9.79 4.88 15.79
C LYS A 158 -11.21 5.06 16.39
N PRO A 159 -11.91 6.19 16.06
CA PRO A 159 -13.22 6.50 16.69
C PRO A 159 -14.30 5.43 16.50
N HIS A 160 -14.29 4.74 15.37
CA HIS A 160 -15.17 3.58 15.18
C HIS A 160 -14.87 2.39 16.12
N ASN A 161 -13.64 2.30 16.64
CA ASN A 161 -13.22 1.19 17.52
C ASN A 161 -13.16 1.59 19.00
N VAL A 162 -13.83 2.67 19.34
CA VAL A 162 -13.94 3.11 20.73
C VAL A 162 -15.44 3.14 21.02
N LEU A 163 -15.83 2.41 22.04
CA LEU A 163 -17.22 2.38 22.47
C LEU A 163 -17.41 3.35 23.64
N VAL A 164 -18.53 4.04 23.67
CA VAL A 164 -18.81 4.99 24.73
C VAL A 164 -20.24 4.91 25.24
N ASN A 165 -20.40 5.22 26.52
CA ASN A 165 -21.71 5.55 27.07
C ASN A 165 -21.69 7.04 27.39
N GLU A 166 -22.37 7.81 26.55
CA GLU A 166 -22.39 9.25 26.65
C GLU A 166 -22.91 9.76 27.99
N ALA A 167 -23.99 9.17 28.48
CA ALA A 167 -24.65 9.62 29.71
C ALA A 167 -23.79 9.30 30.91
N ASP A 168 -23.17 8.12 30.93
CA ASP A 168 -22.33 7.65 32.04
C ASP A 168 -20.91 8.19 31.95
N GLY A 169 -20.52 8.64 30.77
CA GLY A 169 -19.19 9.17 30.54
C GLY A 169 -18.13 8.10 30.40
N THR A 170 -18.54 6.86 30.17
CA THR A 170 -17.62 5.72 30.13
C THR A 170 -17.17 5.38 28.70
N LEU A 171 -16.09 4.63 28.61
CA LEU A 171 -15.43 4.37 27.34
C LEU A 171 -14.64 3.09 27.37
N LYS A 172 -14.78 2.31 26.30
CA LYS A 172 -14.05 1.04 26.13
C LYS A 172 -13.47 0.86 24.72
N LEU A 173 -12.18 0.50 24.68
CA LEU A 173 -11.48 0.18 23.44
C LEU A 173 -11.89 -1.19 22.92
N CYS A 174 -12.24 -1.28 21.64
CA CYS A 174 -12.63 -2.54 21.04
C CYS A 174 -11.88 -2.84 19.75
N ASP A 175 -12.23 -3.98 19.15
CA ASP A 175 -11.69 -4.47 17.88
C ASP A 175 -10.20 -4.72 17.88
N PHE A 176 -9.79 -5.87 18.41
CA PHE A 176 -8.39 -6.27 18.37
C PHE A 176 -8.05 -7.16 17.17
N GLY A 177 -8.81 -7.04 16.09
CA GLY A 177 -8.53 -7.82 14.88
C GLY A 177 -7.26 -7.45 14.12
N SER A 178 -6.62 -6.36 14.54
CA SER A 178 -5.33 -5.92 14.03
C SER A 178 -4.24 -5.97 15.10
N ALA A 179 -4.62 -6.33 16.33
CA ALA A 179 -3.64 -6.36 17.42
C ALA A 179 -2.54 -7.43 17.22
N LYS A 180 -1.41 -7.16 17.87
CA LYS A 180 -0.26 -8.04 17.85
C LYS A 180 0.62 -7.66 19.02
N LYS A 181 1.22 -8.65 19.66
CA LYS A 181 2.22 -8.41 20.69
C LYS A 181 3.54 -8.28 19.95
N LEU A 182 4.02 -7.06 19.81
CA LEU A 182 5.23 -6.80 19.05
C LEU A 182 6.47 -7.34 19.75
N SER A 183 7.42 -7.82 18.96
CA SER A 183 8.72 -8.25 19.47
C SER A 183 9.85 -7.83 18.52
N PRO A 184 11.02 -7.45 19.07
CA PRO A 184 12.21 -7.11 18.29
C PRO A 184 12.62 -8.16 17.26
N SER A 185 12.52 -9.42 17.66
CA SER A 185 12.92 -10.56 16.84
C SER A 185 12.00 -10.88 15.66
N GLU A 186 10.83 -10.25 15.59
CA GLU A 186 9.88 -10.50 14.50
C GLU A 186 9.41 -9.20 13.85
N PRO A 187 9.44 -9.15 12.51
CA PRO A 187 8.99 -7.95 11.80
C PRO A 187 7.50 -7.92 11.52
N ASN A 188 7.01 -6.74 11.15
CA ASN A 188 5.59 -6.42 11.12
C ASN A 188 5.22 -5.64 9.88
N VAL A 189 3.98 -5.82 9.42
CA VAL A 189 3.43 -4.98 8.35
C VAL A 189 2.90 -3.62 8.89
N ALA A 190 2.61 -2.69 7.98
CA ALA A 190 2.08 -1.35 8.35
C ALA A 190 0.60 -1.12 8.00
N TYR A 191 0.15 -1.72 6.91
CA TYR A 191 -1.21 -1.48 6.36
C TYR A 191 -2.41 -1.85 7.25
N ILE A 192 -2.19 -2.57 8.33
CA ILE A 192 -3.31 -2.96 9.20
C ILE A 192 -3.98 -1.75 9.86
N CYS A 193 -3.24 -0.64 10.05
CA CYS A 193 -3.77 0.57 10.69
C CYS A 193 -4.55 1.40 9.69
N SER A 194 -5.75 1.82 10.07
CA SER A 194 -6.55 2.65 9.19
C SER A 194 -5.69 3.87 8.90
N ARG A 195 -5.75 4.34 7.65
CA ARG A 195 -4.77 5.30 7.14
C ARG A 195 -4.70 6.61 7.92
N TYR A 196 -5.86 7.21 8.21
CA TYR A 196 -5.89 8.52 8.88
C TYR A 196 -5.22 8.50 10.24
N TYR A 197 -5.09 7.31 10.83
CA TYR A 197 -4.58 7.16 12.20
C TYR A 197 -3.15 6.57 12.25
N ARG A 198 -2.52 6.51 11.07
CA ARG A 198 -1.26 5.81 10.86
C ARG A 198 -0.07 6.70 11.27
N ALA A 199 0.74 6.21 12.20
CA ALA A 199 1.90 6.94 12.70
C ALA A 199 2.93 7.10 11.58
N PRO A 200 3.84 8.08 11.72
CA PRO A 200 4.77 8.33 10.63
C PRO A 200 5.66 7.13 10.31
N GLU A 201 6.19 6.46 11.34
CA GLU A 201 7.00 5.26 11.13
C GLU A 201 6.27 4.16 10.35
N LEU A 202 4.94 4.11 10.46
CA LEU A 202 4.11 3.20 9.64
C LEU A 202 3.92 3.70 8.20
N ILE A 203 3.87 5.02 8.03
CA ILE A 203 3.78 5.59 6.68
C ILE A 203 5.09 5.32 5.92
N PHE A 204 6.19 5.32 6.65
CA PHE A 204 7.48 5.03 6.06
C PHE A 204 7.79 3.54 5.94
N GLY A 205 6.87 2.69 6.37
CA GLY A 205 6.97 1.26 6.15
C GLY A 205 8.04 0.56 6.96
N ASN A 206 8.29 1.04 8.17
CA ASN A 206 9.22 0.37 9.07
C ASN A 206 8.63 -0.96 9.49
N GLN A 207 9.40 -2.04 9.33
CA GLN A 207 8.93 -3.39 9.67
C GLN A 207 9.00 -3.54 11.18
N HIS A 208 9.86 -2.76 11.81
CA HIS A 208 9.96 -2.72 13.25
C HIS A 208 9.53 -1.37 13.79
N TYR A 209 8.55 -1.40 14.67
CA TYR A 209 8.07 -0.22 15.36
C TYR A 209 7.62 -0.62 16.74
N THR A 210 7.08 0.33 17.49
CA THR A 210 6.76 0.10 18.88
C THR A 210 5.29 0.43 19.15
N THR A 211 4.88 0.26 20.40
CA THR A 211 3.52 0.57 20.81
C THR A 211 3.22 2.09 20.71
N ALA A 212 4.26 2.90 20.53
CA ALA A 212 4.07 4.31 20.27
C ALA A 212 3.24 4.56 19.01
N VAL A 213 2.99 3.56 18.16
CA VAL A 213 2.08 3.79 17.04
C VAL A 213 0.63 4.01 17.52
N ASP A 214 0.31 3.45 18.70
CA ASP A 214 -1.01 3.63 19.31
C ASP A 214 -1.16 5.00 19.97
N ILE A 215 -0.06 5.56 20.49
CA ILE A 215 -0.07 6.90 21.09
C ILE A 215 -0.41 7.93 20.01
N TRP A 216 0.18 7.78 18.84
CA TRP A 216 -0.12 8.62 17.69
C TRP A 216 -1.61 8.60 17.37
N SER A 217 -2.14 7.38 17.24
CA SER A 217 -3.56 7.15 16.94
C SER A 217 -4.47 7.88 17.90
N VAL A 218 -4.13 7.81 19.18
CA VAL A 218 -4.90 8.43 20.25
C VAL A 218 -4.80 9.96 20.20
N GLY A 219 -3.63 10.50 19.84
CA GLY A 219 -3.47 11.91 19.62
C GLY A 219 -4.31 12.34 18.43
N CYS A 220 -4.43 11.50 17.41
CA CYS A 220 -5.28 11.81 16.23
C CYS A 220 -6.78 11.87 16.55
N ILE A 221 -7.22 11.04 17.49
CA ILE A 221 -8.61 11.00 17.95
C ILE A 221 -8.91 12.24 18.78
N PHE A 222 -8.04 12.56 19.74
CA PHE A 222 -8.09 13.82 20.47
C PHE A 222 -8.37 15.03 19.58
N ALA A 223 -7.51 15.23 18.59
CA ALA A 223 -7.69 16.27 17.59
C ALA A 223 -9.06 16.12 16.95
N GLU A 224 -9.45 14.89 16.65
CA GLU A 224 -10.72 14.61 15.98
C GLU A 224 -11.94 14.97 16.84
N MET A 225 -11.84 14.79 18.15
CA MET A 225 -12.94 15.13 19.05
C MET A 225 -13.15 16.65 19.04
N MET A 226 -12.05 17.40 18.97
CA MET A 226 -12.07 18.86 18.94
C MET A 226 -12.26 19.53 17.57
N LEU A 227 -12.26 18.75 16.50
CA LEU A 227 -12.35 19.29 15.14
C LEU A 227 -13.61 18.85 14.41
N GLY A 228 -14.11 17.65 14.72
CA GLY A 228 -15.30 17.11 14.07
C GLY A 228 -15.01 16.40 12.76
N GLU A 229 -13.74 16.18 12.48
CA GLU A 229 -13.33 15.40 11.33
C GLU A 229 -11.91 14.96 11.61
N PRO A 230 -11.38 14.00 10.82
CA PRO A 230 -10.02 13.57 11.09
C PRO A 230 -9.03 14.68 10.78
N ILE A 231 -8.01 14.80 11.61
CA ILE A 231 -7.06 15.87 11.40
C ILE A 231 -6.14 15.63 10.18
N PHE A 232 -5.79 14.38 9.92
CA PHE A 232 -4.89 14.03 8.81
C PHE A 232 -5.61 13.11 7.86
N ARG A 233 -6.27 13.69 6.87
CA ARG A 233 -7.11 12.93 5.96
C ARG A 233 -6.47 12.71 4.59
N GLY A 234 -5.54 11.76 4.52
CA GLY A 234 -4.90 11.37 3.26
C GLY A 234 -5.75 10.47 2.38
N ASP A 235 -5.82 10.78 1.09
CA ASP A 235 -6.43 9.88 0.11
C ASP A 235 -5.47 8.74 -0.26
N ASN A 236 -4.26 8.76 0.27
CA ASN A 236 -3.25 7.76 -0.03
C ASN A 236 -2.10 7.96 0.93
N SER A 237 -1.11 7.07 0.83
CA SER A 237 0.06 7.07 1.71
C SER A 237 0.86 8.36 1.57
N ALA A 238 1.02 8.82 0.33
CA ALA A 238 1.74 10.05 0.04
C ALA A 238 0.95 11.22 0.63
N GLY A 239 -0.35 11.24 0.33
CA GLY A 239 -1.29 12.22 0.88
C GLY A 239 -1.34 12.24 2.40
N GLN A 240 -1.16 11.09 3.02
CA GLN A 240 -1.22 11.01 4.48
C GLN A 240 -0.03 11.73 5.09
N LEU A 241 1.14 11.50 4.52
CA LEU A 241 2.36 12.20 4.94
C LEU A 241 2.22 13.71 4.75
N HIS A 242 1.66 14.08 3.60
CA HIS A 242 1.36 15.46 3.22
C HIS A 242 0.55 16.19 4.29
N GLU A 243 -0.55 15.57 4.72
CA GLU A 243 -1.45 16.19 5.69
C GLU A 243 -0.82 16.35 7.07
N ILE A 244 0.04 15.42 7.45
CA ILE A 244 0.76 15.50 8.73
C ILE A 244 1.78 16.64 8.67
N VAL A 245 2.56 16.67 7.57
CA VAL A 245 3.63 17.67 7.37
C VAL A 245 3.02 19.06 7.24
N ARG A 246 1.91 19.13 6.52
CA ARG A 246 1.15 20.36 6.38
C ARG A 246 0.80 21.03 7.72
N VAL A 247 0.58 20.23 8.76
CA VAL A 247 0.19 20.74 10.08
C VAL A 247 1.34 20.74 11.08
N LEU A 248 2.11 19.66 11.14
CA LEU A 248 3.20 19.56 12.12
C LEU A 248 4.49 20.21 11.60
N GLY A 249 4.55 20.52 10.30
CA GLY A 249 5.73 21.12 9.72
C GLY A 249 6.75 20.08 9.34
N CYS A 250 7.85 20.53 8.74
CA CYS A 250 8.93 19.64 8.32
C CYS A 250 9.53 18.86 9.49
N PRO A 251 9.69 17.53 9.33
CA PRO A 251 10.37 16.76 10.37
C PRO A 251 11.86 17.02 10.33
N SER A 252 12.53 16.84 11.46
CA SER A 252 13.97 17.07 11.56
C SER A 252 14.77 16.03 10.79
N ARG A 253 16.04 16.35 10.59
CA ARG A 253 17.04 15.42 10.03
C ARG A 253 17.03 14.12 10.81
N GLU A 254 17.12 14.25 12.13
CA GLU A 254 17.09 13.11 13.05
C GLU A 254 15.89 12.21 12.78
N VAL A 255 14.72 12.80 12.57
CA VAL A 255 13.51 12.02 12.38
C VAL A 255 13.60 11.25 11.06
N LEU A 256 13.84 11.97 9.98
CA LEU A 256 13.95 11.34 8.67
C LEU A 256 15.08 10.30 8.62
N ARG A 257 16.21 10.63 9.25
CA ARG A 257 17.36 9.71 9.32
C ARG A 257 17.00 8.42 10.04
N LYS A 258 16.19 8.53 11.10
CA LYS A 258 15.78 7.36 11.88
C LYS A 258 14.60 6.60 11.26
N LEU A 259 13.62 7.31 10.71
CA LEU A 259 12.38 6.69 10.24
C LEU A 259 12.28 6.52 8.73
N ASN A 260 13.00 7.33 7.95
CA ASN A 260 12.97 7.23 6.50
C ASN A 260 14.33 7.49 5.86
N PRO A 261 15.38 6.72 6.27
CA PRO A 261 16.79 6.92 5.89
C PRO A 261 17.08 7.16 4.40
N SER A 262 16.30 6.55 3.52
CA SER A 262 16.52 6.70 2.08
C SER A 262 16.06 8.03 1.50
N HIS A 263 15.16 8.73 2.21
CA HIS A 263 14.57 9.97 1.70
C HIS A 263 14.58 11.07 2.77
N THR A 264 15.76 11.63 3.02
CA THR A 264 15.97 12.62 4.10
C THR A 264 16.05 14.07 3.59
N ASP A 265 15.64 14.32 2.35
CA ASP A 265 15.73 15.65 1.77
C ASP A 265 14.65 16.59 2.35
N VAL A 266 15.09 17.47 3.23
CA VAL A 266 14.21 18.38 3.99
C VAL A 266 13.41 19.39 3.13
N ASP A 267 13.89 19.71 1.94
CA ASP A 267 13.19 20.65 1.04
C ASP A 267 11.95 20.05 0.35
N LEU A 268 11.83 18.72 0.39
CA LEU A 268 10.63 18.04 -0.09
C LEU A 268 9.63 17.72 1.05
N TYR A 269 9.86 18.32 2.22
CA TYR A 269 8.90 18.32 3.34
C TYR A 269 8.78 19.77 3.85
N ASN A 270 8.65 20.71 2.92
CA ASN A 270 8.77 22.14 3.22
C ASN A 270 7.48 22.83 3.72
N SER A 271 7.31 22.93 5.04
CA SER A 271 6.27 23.79 5.62
C SER A 271 6.62 24.22 7.04
N LYS A 272 6.01 25.33 7.46
CA LYS A 272 6.19 25.86 8.81
C LYS A 272 5.23 25.14 9.76
N GLY A 273 4.12 24.64 9.22
CA GLY A 273 3.10 24.02 10.01
C GLY A 273 1.97 25.00 10.23
N ILE A 274 0.91 24.54 10.88
CA ILE A 274 -0.26 25.34 11.19
C ILE A 274 -0.43 25.22 12.70
N PRO A 275 -0.42 26.36 13.44
CA PRO A 275 -0.57 26.24 14.88
C PRO A 275 -1.95 25.69 15.23
N TRP A 276 -2.06 25.11 16.42
CA TRP A 276 -3.30 24.49 16.84
C TRP A 276 -4.47 25.51 16.85
N SER A 277 -4.17 26.78 17.20
CA SER A 277 -5.18 27.84 17.21
C SER A 277 -5.87 28.04 15.86
N ASN A 278 -5.14 27.83 14.76
CA ASN A 278 -5.74 27.91 13.43
C ASN A 278 -6.37 26.58 12.99
N VAL A 279 -5.84 25.46 13.48
CA VAL A 279 -6.44 24.16 13.22
C VAL A 279 -7.84 24.13 13.85
N PHE A 280 -7.91 24.48 15.13
CA PHE A 280 -9.16 24.48 15.87
C PHE A 280 -9.80 25.89 15.91
N SER A 281 -10.00 26.46 14.72
CA SER A 281 -10.52 27.84 14.56
C SER A 281 -11.97 28.04 14.97
N ASP A 282 -12.80 27.04 14.72
CA ASP A 282 -14.23 27.15 14.96
C ASP A 282 -14.65 26.56 16.30
N HIS A 283 -13.68 26.21 17.15
CA HIS A 283 -14.03 25.61 18.43
CA HIS A 283 -13.92 25.45 18.39
C HIS A 283 -13.05 25.99 19.52
N SER A 284 -13.62 26.33 20.68
CA SER A 284 -12.88 26.96 21.78
C SER A 284 -12.88 26.13 23.04
N LEU A 285 -11.78 26.17 23.78
CA LEU A 285 -11.67 25.53 25.08
C LEU A 285 -11.14 26.54 26.08
N LYS A 286 -11.62 26.47 27.33
CA LYS A 286 -11.15 27.37 28.38
C LYS A 286 -9.69 27.10 28.73
N ASP A 287 -9.25 25.87 28.44
CA ASP A 287 -7.87 25.44 28.65
C ASP A 287 -7.27 24.90 27.35
N ALA A 288 -7.34 25.73 26.31
CA ALA A 288 -6.75 25.44 25.03
C ALA A 288 -5.24 25.21 25.14
N LYS A 289 -4.55 26.05 25.91
CA LYS A 289 -3.08 25.91 25.96
C LYS A 289 -2.67 24.58 26.62
N GLU A 290 -3.43 24.11 27.61
CA GLU A 290 -3.18 22.79 28.22
C GLU A 290 -3.44 21.64 27.24
N ALA A 291 -4.57 21.68 26.55
CA ALA A 291 -4.96 20.66 25.58
C ALA A 291 -3.97 20.57 24.43
N TYR A 292 -3.47 21.72 23.99
CA TYR A 292 -2.55 21.76 22.86
C TYR A 292 -1.19 21.23 23.25
N ASP A 293 -0.81 21.46 24.51
CA ASP A 293 0.40 20.90 25.04
C ASP A 293 0.33 19.39 24.98
N LEU A 294 -0.69 18.82 25.64
CA LEU A 294 -0.91 17.39 25.63
C LEU A 294 -1.04 16.86 24.19
N LEU A 295 -1.84 17.50 23.34
CA LEU A 295 -1.95 17.06 21.93
C LEU A 295 -0.57 17.00 21.24
N SER A 296 0.26 18.03 21.46
CA SER A 296 1.59 18.11 20.85
C SER A 296 2.49 16.97 21.30
N ALA A 297 2.44 16.66 22.60
CA ALA A 297 3.22 15.59 23.21
C ALA A 297 2.86 14.22 22.67
N LEU A 298 1.60 14.02 22.32
CA LEU A 298 1.12 12.77 21.75
C LEU A 298 1.49 12.65 20.26
N LEU A 299 1.45 13.76 19.54
CA LEU A 299 1.76 13.78 18.11
C LEU A 299 3.21 14.20 17.79
N GLN A 300 4.15 13.77 18.62
CA GLN A 300 5.56 13.94 18.33
C GLN A 300 5.94 13.03 17.16
N TYR A 301 6.68 13.55 16.19
CA TYR A 301 7.17 12.76 15.06
C TYR A 301 7.99 11.54 15.50
N LEU A 302 8.80 11.72 16.55
CA LEU A 302 9.74 10.70 17.01
C LEU A 302 9.10 9.82 18.10
N PRO A 303 8.91 8.52 17.81
CA PRO A 303 8.23 7.59 18.72
C PRO A 303 8.63 7.65 20.19
N GLU A 304 9.93 7.62 20.46
CA GLU A 304 10.42 7.60 21.83
C GLU A 304 10.11 8.92 22.56
N GLU A 305 9.80 9.95 21.78
CA GLU A 305 9.47 11.27 22.33
C GLU A 305 7.97 11.55 22.50
N ARG A 306 7.12 10.62 22.07
CA ARG A 306 5.70 10.73 22.35
C ARG A 306 5.47 10.42 23.81
N MET A 307 4.65 11.24 24.46
CA MET A 307 4.35 11.05 25.88
C MET A 307 3.66 9.72 26.12
N LYS A 308 4.16 8.98 27.11
CA LYS A 308 3.68 7.64 27.40
C LYS A 308 2.44 7.72 28.30
N PRO A 309 1.50 6.77 28.14
CA PRO A 309 0.19 6.81 28.79
C PRO A 309 0.13 7.32 30.22
N TYR A 310 0.91 6.75 31.12
CA TYR A 310 0.82 7.12 32.54
C TYR A 310 1.37 8.50 32.82
N GLU A 311 2.25 8.98 31.94
CA GLU A 311 2.69 10.36 32.03
C GLU A 311 1.58 11.26 31.49
N ALA A 312 0.98 10.88 30.36
CA ALA A 312 -0.14 11.63 29.80
C ALA A 312 -1.29 11.78 30.81
N LEU A 313 -1.60 10.72 31.57
CA LEU A 313 -2.70 10.77 32.53
C LEU A 313 -2.47 11.80 33.65
N CYS A 314 -1.21 12.19 33.87
CA CYS A 314 -0.84 13.16 34.89
C CYS A 314 -0.69 14.57 34.34
N HIS A 315 -0.87 14.73 33.03
CA HIS A 315 -0.78 16.04 32.37
C HIS A 315 -1.84 16.99 32.95
N PRO A 316 -1.53 18.29 33.02
CA PRO A 316 -2.42 19.35 33.51
C PRO A 316 -3.81 19.43 32.88
N TYR A 317 -3.94 19.04 31.62
CA TYR A 317 -5.26 19.00 30.98
C TYR A 317 -6.27 18.20 31.82
N PHE A 318 -5.81 17.19 32.56
CA PHE A 318 -6.69 16.34 33.36
C PHE A 318 -6.82 16.74 34.84
N ASP A 319 -6.19 17.84 35.24
CA ASP A 319 -6.18 18.21 36.67
C ASP A 319 -7.60 18.33 37.24
N GLU A 320 -8.51 18.88 36.46
CA GLU A 320 -9.86 19.14 36.95
C GLU A 320 -10.67 17.86 37.20
N LEU A 321 -10.27 16.75 36.59
CA LEU A 321 -10.91 15.45 36.82
C LEU A 321 -10.78 14.96 38.27
N HIS A 322 -9.77 15.47 38.98
CA HIS A 322 -9.56 15.12 40.38
C HIS A 322 -10.46 15.92 41.31
N ASP A 323 -10.89 17.10 40.87
CA ASP A 323 -11.73 17.96 41.70
C ASP A 323 -13.12 17.34 41.93
N PRO A 324 -13.49 17.12 43.20
CA PRO A 324 -14.77 16.45 43.50
C PRO A 324 -15.99 17.26 43.06
N ALA A 325 -15.80 18.56 42.84
CA ALA A 325 -16.84 19.41 42.27
C ALA A 325 -17.08 19.17 40.76
N THR A 326 -16.11 18.57 40.07
CA THR A 326 -16.24 18.27 38.64
C THR A 326 -17.22 17.15 38.41
N LYS A 327 -18.15 17.37 37.46
CA LYS A 327 -19.20 16.40 37.14
C LYS A 327 -19.38 16.32 35.62
N LEU A 328 -20.20 15.37 35.17
CA LEU A 328 -20.47 15.17 33.75
C LEU A 328 -21.44 16.23 33.25
N PRO A 329 -21.63 16.34 31.91
CA PRO A 329 -22.48 17.37 31.30
C PRO A 329 -23.94 17.44 31.80
N ASN A 330 -24.46 16.34 32.32
CA ASN A 330 -25.82 16.28 32.86
C ASN A 330 -25.78 16.37 34.38
N ASN A 331 -24.68 16.93 34.89
CA ASN A 331 -24.41 17.04 36.32
C ASN A 331 -24.31 15.72 37.10
N LYS A 332 -24.19 14.59 36.37
CA LYS A 332 -23.92 13.29 37.00
C LYS A 332 -22.45 13.18 37.40
N ASP A 333 -22.16 12.30 38.37
CA ASP A 333 -20.78 12.07 38.84
C ASP A 333 -19.91 11.47 37.76
N LEU A 334 -18.60 11.62 37.91
CA LEU A 334 -17.65 11.01 36.99
C LEU A 334 -17.66 9.48 37.17
N PRO A 335 -17.48 8.71 36.08
CA PRO A 335 -17.58 7.25 36.18
C PRO A 335 -16.80 6.66 37.36
N GLU A 336 -17.43 5.72 38.08
CA GLU A 336 -16.84 5.05 39.26
C GLU A 336 -15.36 4.73 39.11
N ASP A 337 -15.04 3.99 38.04
CA ASP A 337 -13.74 3.35 37.86
C ASP A 337 -12.65 4.24 37.27
N LEU A 338 -13.00 5.47 36.91
CA LEU A 338 -12.08 6.39 36.26
C LEU A 338 -10.69 6.34 36.88
N PHE A 339 -10.63 6.29 38.20
CA PHE A 339 -9.36 6.23 38.91
C PHE A 339 -9.13 4.90 39.64
N ARG A 340 -9.92 3.87 39.32
CA ARG A 340 -9.66 2.53 39.82
C ARG A 340 -8.62 1.81 38.94
N PHE A 341 -7.37 1.82 39.37
CA PHE A 341 -6.27 1.19 38.66
C PHE A 341 -6.00 -0.21 39.18
N LEU A 342 -5.75 -1.13 38.25
CA LEU A 342 -5.47 -2.53 38.56
C LEU A 342 -4.08 -2.63 39.19
N PRO A 343 -3.84 -3.65 40.05
CA PRO A 343 -2.54 -3.79 40.73
C PRO A 343 -1.39 -3.82 39.73
N ASN A 344 -1.66 -4.51 38.64
CA ASN A 344 -0.80 -4.59 37.46
C ASN A 344 -0.21 -3.25 37.03
N GLU A 345 -1.07 -2.24 37.01
CA GLU A 345 -0.71 -0.90 36.58
C GLU A 345 0.05 -0.20 37.68
N ILE A 346 -0.47 -0.30 38.89
CA ILE A 346 0.11 0.37 40.06
C ILE A 346 1.56 -0.06 40.25
N GLU A 347 1.83 -1.36 40.09
CA GLU A 347 3.18 -1.90 40.22
C GLU A 347 4.21 -1.22 39.31
N VAL A 348 3.78 -0.79 38.13
CA VAL A 348 4.69 -0.21 37.13
C VAL A 348 4.81 1.32 37.24
N MET A 349 3.86 1.97 37.92
CA MET A 349 3.85 3.44 38.03
C MET A 349 5.06 3.95 38.82
N SER A 350 5.53 5.15 38.48
CA SER A 350 6.53 5.84 39.29
C SER A 350 5.85 6.31 40.57
N GLU A 351 6.64 6.86 41.50
CA GLU A 351 6.07 7.34 42.77
C GLU A 351 5.14 8.51 42.51
N ALA A 352 5.61 9.45 41.70
CA ALA A 352 4.86 10.65 41.33
C ALA A 352 3.54 10.30 40.64
N GLN A 353 3.56 9.27 39.79
CA GLN A 353 2.34 8.80 39.14
C GLN A 353 1.38 8.15 40.14
N LYS A 354 1.93 7.41 41.11
CA LYS A 354 1.13 6.77 42.17
C LYS A 354 0.52 7.81 43.11
N ALA A 355 1.25 8.92 43.29
CA ALA A 355 0.78 10.03 44.11
C ALA A 355 -0.44 10.71 43.47
N LYS A 356 -0.35 10.98 42.17
CA LYS A 356 -1.36 11.73 41.43
C LYS A 356 -2.61 10.90 41.11
N LEU A 357 -2.40 9.67 40.67
CA LEU A 357 -3.46 8.85 40.12
C LEU A 357 -4.08 7.85 41.09
N VAL A 358 -3.32 7.47 42.13
CA VAL A 358 -3.79 6.46 43.08
C VAL A 358 -4.00 7.07 44.46
N ALA B 12 1.61 -34.60 -12.92
CA ALA B 12 0.27 -34.74 -12.26
C ALA B 12 -0.84 -34.03 -13.05
N ALA B 13 -1.04 -34.47 -14.30
CA ALA B 13 -2.02 -33.85 -15.20
C ALA B 13 -3.46 -33.84 -14.64
N ALA B 14 -4.29 -32.92 -15.13
CA ALA B 14 -5.71 -32.86 -14.75
C ALA B 14 -6.60 -33.54 -15.78
N ASP B 15 -6.09 -33.73 -17.00
CA ASP B 15 -6.82 -34.46 -18.04
CA ASP B 15 -6.82 -34.45 -18.05
C ASP B 15 -5.86 -34.97 -19.13
N GLU B 16 -6.41 -35.55 -20.19
CA GLU B 16 -5.60 -36.14 -21.25
C GLU B 16 -4.99 -35.08 -22.14
N ARG B 17 -5.74 -34.02 -22.43
CA ARG B 17 -5.17 -32.89 -23.17
C ARG B 17 -3.94 -32.38 -22.43
N SER B 18 -4.07 -32.16 -21.12
CA SER B 18 -2.97 -31.67 -20.28
C SER B 18 -1.77 -32.62 -20.21
N ARG B 19 -2.03 -33.92 -20.29
CA ARG B 19 -0.96 -34.93 -20.27
C ARG B 19 -0.17 -34.88 -21.58
N LYS B 20 -0.90 -34.82 -22.68
CA LYS B 20 -0.33 -34.71 -24.02
C LYS B 20 0.53 -33.43 -24.21
N GLU B 21 0.04 -32.30 -23.69
CA GLU B 21 0.74 -31.03 -23.81
C GLU B 21 1.98 -31.03 -22.92
N MET B 22 1.84 -31.54 -21.70
CA MET B 22 2.98 -31.62 -20.77
C MET B 22 4.17 -32.37 -21.33
N ASP B 23 3.89 -33.36 -22.18
CA ASP B 23 4.92 -34.21 -22.76
C ASP B 23 5.48 -33.68 -24.08
N ARG B 24 5.06 -32.47 -24.46
CA ARG B 24 5.73 -31.73 -25.54
C ARG B 24 7.03 -31.12 -25.03
N PHE B 25 7.08 -30.86 -23.73
CA PHE B 25 8.13 -30.06 -23.10
C PHE B 25 8.83 -30.86 -22.01
N GLN B 26 10.03 -30.42 -21.63
CA GLN B 26 10.79 -31.04 -20.54
C GLN B 26 11.49 -30.00 -19.68
N VAL B 27 11.46 -30.18 -18.37
CA VAL B 27 12.05 -29.23 -17.42
C VAL B 27 13.46 -29.67 -17.02
N THR B 38 9.68 -18.15 -9.28
CA THR B 38 9.01 -19.43 -9.09
C THR B 38 8.36 -19.92 -10.39
N VAL B 39 9.14 -19.91 -11.47
CA VAL B 39 8.71 -20.41 -12.79
C VAL B 39 9.46 -21.72 -13.08
N GLN B 40 9.16 -22.35 -14.21
CA GLN B 40 9.82 -23.59 -14.61
C GLN B 40 10.39 -23.45 -16.03
N LEU B 41 11.71 -23.62 -16.15
CA LEU B 41 12.42 -23.41 -17.40
C LEU B 41 12.73 -24.74 -18.07
N GLY B 42 12.42 -24.84 -19.35
CA GLY B 42 12.59 -26.09 -20.08
C GLY B 42 12.62 -25.85 -21.57
N LYS B 43 12.55 -26.94 -22.34
CA LYS B 43 12.61 -26.86 -23.80
C LYS B 43 11.49 -27.65 -24.44
N GLU B 44 11.12 -27.26 -25.64
CA GLU B 44 10.17 -27.99 -26.43
C GLU B 44 10.90 -29.08 -27.20
N LYS B 45 10.80 -30.33 -26.71
CA LYS B 45 11.41 -31.48 -27.37
C LYS B 45 11.33 -31.36 -28.89
N SER B 46 10.14 -31.07 -29.40
CA SER B 46 9.88 -30.97 -30.83
C SER B 46 10.88 -30.11 -31.60
N THR B 47 11.00 -28.83 -31.21
CA THR B 47 11.79 -27.84 -31.92
C THR B 47 13.07 -27.40 -31.21
N GLY B 48 13.31 -27.93 -30.01
CA GLY B 48 14.46 -27.49 -29.21
C GLY B 48 14.31 -26.12 -28.54
N MET B 49 13.26 -25.38 -28.89
CA MET B 49 12.99 -24.03 -28.37
C MET B 49 12.89 -23.97 -26.84
N SER B 50 13.63 -23.03 -26.24
CA SER B 50 13.52 -22.79 -24.80
C SER B 50 12.11 -22.27 -24.48
N VAL B 51 11.59 -22.66 -23.32
CA VAL B 51 10.26 -22.24 -22.88
C VAL B 51 10.24 -21.96 -21.38
N ALA B 52 9.23 -21.19 -20.98
CA ALA B 52 8.97 -20.90 -19.58
C ALA B 52 7.56 -21.39 -19.27
N ILE B 53 7.40 -22.03 -18.10
CA ILE B 53 6.11 -22.56 -17.67
C ILE B 53 5.68 -21.91 -16.36
N LYS B 54 4.68 -21.04 -16.45
CA LYS B 54 4.11 -20.37 -15.29
C LYS B 54 2.89 -21.15 -14.81
N LYS B 55 2.78 -21.37 -13.50
CA LYS B 55 1.59 -22.03 -12.96
C LYS B 55 0.88 -21.07 -12.02
N VAL B 56 -0.44 -21.02 -12.15
CA VAL B 56 -1.26 -20.15 -11.31
C VAL B 56 -2.53 -20.91 -10.92
N ILE B 57 -2.96 -20.71 -9.68
CA ILE B 57 -4.17 -21.37 -9.16
C ILE B 57 -5.39 -21.08 -10.03
N GLN B 58 -6.18 -22.11 -10.32
CA GLN B 58 -7.49 -21.91 -10.91
C GLN B 58 -8.47 -21.80 -9.74
N ASP B 59 -9.31 -20.79 -9.77
CA ASP B 59 -10.40 -20.65 -8.82
C ASP B 59 -11.68 -20.84 -9.60
N PRO B 60 -12.61 -21.68 -9.10
CA PRO B 60 -13.85 -21.96 -9.84
C PRO B 60 -14.75 -20.73 -10.10
N ARG B 61 -14.64 -19.72 -9.25
CA ARG B 61 -15.43 -18.49 -9.36
C ARG B 61 -14.93 -17.59 -10.47
N PHE B 62 -13.66 -17.78 -10.84
CA PHE B 62 -12.92 -16.84 -11.70
C PHE B 62 -12.36 -17.43 -12.99
N ARG B 63 -12.26 -16.58 -14.01
CA ARG B 63 -11.48 -16.86 -15.22
C ARG B 63 -10.14 -16.11 -15.14
N ASN B 64 -9.10 -16.73 -15.72
CA ASN B 64 -7.75 -16.15 -15.75
C ASN B 64 -7.64 -15.10 -16.86
N ARG B 65 -7.27 -13.87 -16.49
CA ARG B 65 -7.11 -12.79 -17.48
C ARG B 65 -5.92 -13.06 -18.40
N GLU B 66 -4.79 -13.41 -17.78
CA GLU B 66 -3.52 -13.67 -18.49
C GLU B 66 -3.65 -14.62 -19.66
N LEU B 67 -4.32 -15.76 -19.46
CA LEU B 67 -4.44 -16.72 -20.55
C LEU B 67 -5.17 -16.10 -21.71
N GLN B 68 -6.28 -15.42 -21.45
CA GLN B 68 -7.10 -14.88 -22.56
C GLN B 68 -6.30 -13.82 -23.30
N ILE B 69 -5.53 -13.04 -22.53
CA ILE B 69 -4.67 -12.00 -23.06
C ILE B 69 -3.61 -12.60 -24.01
N MET B 70 -2.88 -13.61 -23.54
CA MET B 70 -1.89 -14.32 -24.36
C MET B 70 -2.51 -14.95 -25.59
N GLN B 71 -3.73 -15.46 -25.46
CA GLN B 71 -4.43 -16.06 -26.60
C GLN B 71 -4.79 -15.00 -27.64
N ASP B 72 -5.21 -13.82 -27.17
CA ASP B 72 -5.50 -12.70 -28.06
C ASP B 72 -4.24 -12.23 -28.79
N LEU B 73 -3.15 -12.10 -28.03
CA LEU B 73 -1.88 -11.61 -28.58
C LEU B 73 -1.27 -12.62 -29.56
N ALA B 74 -1.43 -13.92 -29.27
CA ALA B 74 -0.88 -14.98 -30.13
C ALA B 74 -1.40 -14.88 -31.55
N VAL B 75 -2.60 -14.35 -31.71
CA VAL B 75 -3.19 -14.11 -33.03
C VAL B 75 -2.35 -13.11 -33.81
N LEU B 76 -1.88 -12.08 -33.12
CA LEU B 76 -1.13 -11.00 -33.74
C LEU B 76 0.27 -11.46 -34.07
N HIS B 77 0.91 -12.09 -33.09
CA HIS B 77 2.30 -12.56 -33.21
C HIS B 77 3.23 -11.39 -33.53
N HIS B 78 3.29 -10.46 -32.59
CA HIS B 78 4.10 -9.28 -32.72
C HIS B 78 5.53 -9.70 -32.45
N PRO B 79 6.49 -9.16 -33.23
CA PRO B 79 7.88 -9.56 -33.04
C PRO B 79 8.45 -9.19 -31.69
N ASN B 80 7.81 -8.25 -30.97
CA ASN B 80 8.35 -7.83 -29.67
C ASN B 80 7.51 -8.24 -28.45
N ILE B 81 6.61 -9.19 -28.64
CA ILE B 81 5.86 -9.77 -27.54
C ILE B 81 6.08 -11.30 -27.53
N VAL B 82 6.44 -11.86 -26.37
CA VAL B 82 6.55 -13.33 -26.24
C VAL B 82 5.27 -14.00 -26.71
N GLN B 83 5.43 -15.18 -27.29
CA GLN B 83 4.36 -15.91 -27.96
C GLN B 83 3.95 -17.13 -27.13
N LEU B 84 2.64 -17.24 -26.85
CA LEU B 84 2.08 -18.39 -26.12
C LEU B 84 2.29 -19.67 -26.92
N GLN B 85 2.80 -20.70 -26.24
CA GLN B 85 3.10 -21.99 -26.88
C GLN B 85 2.06 -23.07 -26.54
N SER B 86 1.60 -23.08 -25.30
CA SER B 86 0.65 -24.07 -24.83
C SER B 86 0.08 -23.72 -23.46
N TYR B 87 -1.06 -24.32 -23.14
CA TYR B 87 -1.62 -24.24 -21.80
C TYR B 87 -2.16 -25.62 -21.36
N PHE B 88 -1.92 -25.96 -20.10
CA PHE B 88 -2.39 -27.23 -19.55
C PHE B 88 -2.68 -27.06 -18.07
N TYR B 89 -3.39 -28.04 -17.50
CA TYR B 89 -3.79 -28.00 -16.10
C TYR B 89 -3.21 -29.17 -15.32
N THR B 90 -2.89 -28.90 -14.06
CA THR B 90 -2.32 -29.90 -13.17
C THR B 90 -2.97 -29.79 -11.79
N LEU B 91 -3.02 -30.91 -11.07
CA LEU B 91 -3.66 -30.95 -9.77
C LEU B 91 -2.64 -30.61 -8.70
N GLY B 92 -3.10 -30.18 -7.54
CA GLY B 92 -2.21 -29.70 -6.48
C GLY B 92 -1.37 -30.77 -5.82
N GLU B 93 -0.41 -30.29 -5.03
CA GLU B 93 0.42 -31.13 -4.14
C GLU B 93 -0.05 -30.87 -2.71
N ARG B 94 -0.17 -29.58 -2.36
CA ARG B 94 -0.77 -29.16 -1.08
C ARG B 94 -2.24 -29.58 -0.98
N ASP B 95 -2.90 -29.72 -2.14
CA ASP B 95 -4.30 -30.18 -2.20
C ASP B 95 -4.65 -30.65 -3.62
N ARG B 96 -4.81 -31.96 -3.79
CA ARG B 96 -5.18 -32.54 -5.09
C ARG B 96 -6.54 -32.03 -5.62
N ARG B 97 -7.34 -31.41 -4.75
CA ARG B 97 -8.62 -30.80 -5.15
C ARG B 97 -8.41 -29.55 -6.01
N ASP B 98 -7.30 -28.84 -5.76
CA ASP B 98 -6.96 -27.60 -6.46
C ASP B 98 -6.34 -27.81 -7.84
N ILE B 99 -6.93 -27.19 -8.87
CA ILE B 99 -6.39 -27.23 -10.22
C ILE B 99 -5.52 -25.99 -10.46
N TYR B 100 -4.44 -26.16 -11.23
CA TYR B 100 -3.51 -25.08 -11.58
C TYR B 100 -3.42 -24.91 -13.10
N LEU B 101 -3.59 -23.68 -13.58
CA LEU B 101 -3.34 -23.35 -14.98
C LEU B 101 -1.85 -23.28 -15.12
N ASN B 102 -1.33 -23.86 -16.20
CA ASN B 102 0.09 -23.78 -16.57
C ASN B 102 0.18 -23.13 -17.93
N VAL B 103 0.83 -21.97 -18.00
CA VAL B 103 0.98 -21.25 -19.28
C VAL B 103 2.43 -21.42 -19.78
N VAL B 104 2.58 -21.93 -21.00
CA VAL B 104 3.90 -22.16 -21.60
C VAL B 104 4.18 -21.13 -22.67
N MET B 105 5.25 -20.36 -22.47
CA MET B 105 5.64 -19.32 -23.42
C MET B 105 7.10 -19.41 -23.78
N GLU B 106 7.43 -18.88 -24.96
CA GLU B 106 8.81 -18.85 -25.42
C GLU B 106 9.63 -18.08 -24.41
N TYR B 107 10.89 -18.48 -24.28
CA TYR B 107 11.78 -17.91 -23.30
C TYR B 107 13.22 -17.92 -23.82
N VAL B 108 13.98 -16.92 -23.39
CA VAL B 108 15.40 -16.86 -23.65
C VAL B 108 16.08 -16.57 -22.32
N PRO B 109 17.33 -17.03 -22.16
CA PRO B 109 17.97 -16.94 -20.84
C PRO B 109 18.25 -15.51 -20.32
N ASP B 110 18.27 -14.52 -21.21
CA ASP B 110 18.67 -13.16 -20.81
C ASP B 110 17.51 -12.18 -20.75
N THR B 111 17.38 -11.58 -19.57
CA THR B 111 16.45 -10.48 -19.35
C THR B 111 17.21 -9.20 -19.64
N LEU B 112 16.49 -8.14 -20.00
CA LEU B 112 17.12 -6.85 -20.15
C LEU B 112 17.90 -6.53 -18.86
N HIS B 113 17.37 -6.96 -17.72
CA HIS B 113 18.07 -6.73 -16.45
C HIS B 113 19.45 -7.39 -16.41
N ARG B 114 19.52 -8.64 -16.86
CA ARG B 114 20.78 -9.41 -16.82
C ARG B 114 21.77 -8.78 -17.77
N CYS B 115 21.27 -8.50 -18.97
CA CYS B 115 22.07 -7.89 -20.02
C CYS B 115 22.82 -6.64 -19.57
N CYS B 116 22.14 -5.77 -18.85
CA CYS B 116 22.73 -4.50 -18.39
C CYS B 116 23.61 -4.74 -17.20
N ARG B 117 23.17 -5.64 -16.32
CA ARG B 117 23.96 -6.02 -15.16
C ARG B 117 25.35 -6.47 -15.60
N ASN B 118 25.40 -7.26 -16.67
CA ASN B 118 26.67 -7.81 -17.19
C ASN B 118 27.66 -6.72 -17.60
N TYR B 119 27.16 -5.61 -18.15
CA TYR B 119 28.00 -4.45 -18.47
C TYR B 119 28.35 -3.66 -17.21
N TYR B 120 27.35 -3.18 -16.49
CA TYR B 120 27.57 -2.39 -15.28
C TYR B 120 28.37 -3.15 -14.19
N ARG B 121 28.37 -4.48 -14.24
CA ARG B 121 29.26 -5.31 -13.40
C ARG B 121 30.74 -4.94 -13.57
N ARG B 122 31.11 -4.71 -14.83
CA ARG B 122 32.50 -4.40 -15.19
C ARG B 122 32.75 -2.90 -15.26
N GLN B 123 31.98 -2.11 -14.52
CA GLN B 123 32.07 -0.64 -14.54
C GLN B 123 32.08 -0.11 -15.98
N VAL B 124 31.09 -0.55 -16.75
CA VAL B 124 30.95 -0.24 -18.17
C VAL B 124 29.48 -0.03 -18.49
N ALA B 125 29.18 0.92 -19.36
CA ALA B 125 27.81 1.14 -19.81
C ALA B 125 27.53 0.20 -20.97
N PRO B 126 26.27 -0.23 -21.13
CA PRO B 126 25.92 -0.95 -22.34
C PRO B 126 26.16 -0.09 -23.57
N PRO B 127 26.38 -0.74 -24.73
CA PRO B 127 26.57 -0.02 -25.98
C PRO B 127 25.37 0.87 -26.35
N PRO B 128 25.63 2.16 -26.59
CA PRO B 128 24.55 3.08 -26.94
C PRO B 128 23.59 2.62 -28.04
N ILE B 129 24.08 1.93 -29.08
CA ILE B 129 23.19 1.42 -30.13
C ILE B 129 22.30 0.30 -29.61
N LEU B 130 22.74 -0.38 -28.55
CA LEU B 130 21.97 -1.50 -28.00
C LEU B 130 20.79 -0.96 -27.21
N ILE B 131 21.10 0.00 -26.33
CA ILE B 131 20.11 0.80 -25.61
C ILE B 131 19.09 1.39 -26.62
N LYS B 132 19.59 1.97 -27.70
CA LYS B 132 18.70 2.55 -28.70
C LYS B 132 17.78 1.52 -29.35
N VAL B 133 18.36 0.42 -29.82
CA VAL B 133 17.60 -0.62 -30.51
C VAL B 133 16.65 -1.38 -29.57
N PHE B 134 17.07 -1.53 -28.31
CA PHE B 134 16.23 -2.10 -27.28
C PHE B 134 15.00 -1.19 -26.99
N LEU B 135 15.22 0.12 -26.85
CA LEU B 135 14.13 1.02 -26.55
C LEU B 135 13.12 1.09 -27.69
N PHE B 136 13.60 1.09 -28.92
CA PHE B 136 12.69 1.14 -30.09
C PHE B 136 11.72 -0.01 -29.95
N GLN B 137 12.26 -1.22 -29.77
CA GLN B 137 11.46 -2.44 -29.72
C GLN B 137 10.52 -2.51 -28.51
N LEU B 138 11.00 -2.10 -27.34
CA LEU B 138 10.17 -2.01 -26.13
C LEU B 138 9.04 -0.99 -26.31
N ILE B 139 9.35 0.19 -26.83
CA ILE B 139 8.30 1.16 -27.13
C ILE B 139 7.34 0.56 -28.15
N ARG B 140 7.85 -0.23 -29.09
CA ARG B 140 7.00 -0.88 -30.12
C ARG B 140 5.97 -1.86 -29.54
N SER B 141 6.38 -2.57 -28.50
CA SER B 141 5.52 -3.59 -27.91
C SER B 141 4.28 -2.95 -27.29
N ILE B 142 4.48 -1.94 -26.45
CA ILE B 142 3.37 -1.22 -25.81
C ILE B 142 2.53 -0.42 -26.79
N GLY B 143 3.12 0.02 -27.90
CA GLY B 143 2.36 0.58 -28.99
C GLY B 143 1.30 -0.39 -29.51
N CYS B 144 1.68 -1.66 -29.66
CA CYS B 144 0.76 -2.70 -30.04
C CYS B 144 -0.26 -3.02 -28.95
N LEU B 145 0.23 -3.24 -27.73
CA LEU B 145 -0.63 -3.54 -26.60
C LEU B 145 -1.72 -2.50 -26.44
N HIS B 146 -1.39 -1.26 -26.77
CA HIS B 146 -2.27 -0.14 -26.49
C HIS B 146 -3.20 0.20 -27.66
N LEU B 147 -3.08 -0.48 -28.79
CA LEU B 147 -4.02 -0.25 -29.88
C LEU B 147 -5.42 -0.38 -29.31
N PRO B 148 -6.38 0.44 -29.78
CA PRO B 148 -7.76 0.26 -29.28
C PRO B 148 -8.33 -1.15 -29.52
N SER B 149 -7.97 -1.78 -30.63
CA SER B 149 -8.40 -3.15 -30.91
C SER B 149 -7.80 -4.19 -29.96
N VAL B 150 -6.66 -3.89 -29.33
CA VAL B 150 -6.01 -4.82 -28.40
C VAL B 150 -6.32 -4.38 -26.99
N ASN B 151 -6.00 -3.12 -26.71
CA ASN B 151 -6.32 -2.49 -25.45
C ASN B 151 -5.80 -3.25 -24.22
N VAL B 152 -4.60 -3.80 -24.31
CA VAL B 152 -3.99 -4.46 -23.15
C VAL B 152 -3.06 -3.51 -22.43
N CYS B 153 -3.14 -3.47 -21.10
CA CYS B 153 -2.22 -2.69 -20.28
C CYS B 153 -1.47 -3.71 -19.43
N HIS B 154 -0.14 -3.64 -19.50
CA HIS B 154 0.74 -4.67 -18.99
C HIS B 154 0.82 -4.52 -17.49
N ARG B 155 0.98 -3.29 -17.03
CA ARG B 155 0.91 -2.90 -15.62
C ARG B 155 2.10 -3.27 -14.75
N ASP B 156 3.08 -4.00 -15.26
CA ASP B 156 4.30 -4.31 -14.48
C ASP B 156 5.53 -4.43 -15.40
N ILE B 157 5.72 -3.42 -16.26
CA ILE B 157 6.89 -3.35 -17.15
C ILE B 157 8.11 -2.95 -16.31
N LYS B 158 9.08 -3.86 -16.27
CA LYS B 158 10.36 -3.66 -15.59
C LYS B 158 11.44 -4.51 -16.29
N PRO B 159 12.71 -4.26 -16.01
CA PRO B 159 13.72 -4.94 -16.82
C PRO B 159 13.75 -6.47 -16.70
N HIS B 160 13.32 -7.01 -15.55
CA HIS B 160 13.15 -8.45 -15.39
C HIS B 160 12.10 -9.03 -16.33
N ASN B 161 11.15 -8.20 -16.80
CA ASN B 161 10.05 -8.64 -17.65
C ASN B 161 10.29 -8.36 -19.14
N VAL B 162 11.52 -7.99 -19.47
CA VAL B 162 11.89 -7.83 -20.87
C VAL B 162 12.96 -8.88 -21.18
N LEU B 163 12.75 -9.62 -22.26
CA LEU B 163 13.71 -10.60 -22.70
C LEU B 163 14.45 -10.06 -23.90
N VAL B 164 15.77 -10.23 -23.92
CA VAL B 164 16.61 -9.78 -25.04
C VAL B 164 17.58 -10.85 -25.56
N ASN B 165 18.03 -10.67 -26.80
CA ASN B 165 19.10 -11.47 -27.39
C ASN B 165 20.09 -10.50 -28.04
N GLU B 166 21.20 -10.21 -27.37
CA GLU B 166 22.23 -9.29 -27.92
C GLU B 166 22.79 -9.70 -29.26
N ALA B 167 22.93 -11.01 -29.45
CA ALA B 167 23.52 -11.58 -30.66
C ALA B 167 22.78 -11.13 -31.91
N ASP B 168 21.45 -11.04 -31.84
CA ASP B 168 20.67 -10.52 -32.98
C ASP B 168 19.90 -9.22 -32.70
N GLY B 169 20.09 -8.69 -31.48
CA GLY B 169 19.51 -7.40 -31.07
C GLY B 169 18.01 -7.36 -30.81
N THR B 170 17.38 -8.51 -30.64
CA THR B 170 15.94 -8.57 -30.48
C THR B 170 15.52 -8.44 -29.03
N LEU B 171 14.27 -8.03 -28.85
CA LEU B 171 13.69 -7.81 -27.53
C LEU B 171 12.24 -8.30 -27.51
N LYS B 172 11.85 -8.94 -26.42
CA LYS B 172 10.46 -9.36 -26.24
C LYS B 172 9.97 -9.00 -24.86
N LEU B 173 8.78 -8.38 -24.82
CA LEU B 173 8.06 -8.10 -23.58
C LEU B 173 7.39 -9.39 -23.12
N CYS B 174 7.61 -9.77 -21.86
CA CYS B 174 6.98 -10.97 -21.30
C CYS B 174 6.22 -10.68 -19.98
N ASP B 175 5.71 -11.76 -19.37
CA ASP B 175 5.06 -11.76 -18.05
C ASP B 175 3.82 -10.89 -17.92
N PHE B 176 2.76 -11.29 -18.62
CA PHE B 176 1.48 -10.61 -18.52
C PHE B 176 0.65 -11.06 -17.29
N GLY B 177 1.36 -11.42 -16.22
CA GLY B 177 0.76 -11.84 -14.96
C GLY B 177 -0.06 -10.76 -14.30
N SER B 178 0.37 -9.50 -14.45
CA SER B 178 -0.31 -8.37 -13.85
C SER B 178 -1.17 -7.60 -14.85
N ALA B 179 -1.33 -8.12 -16.05
CA ALA B 179 -1.98 -7.37 -17.15
C ALA B 179 -3.51 -7.32 -17.08
N LYS B 180 -4.10 -6.34 -17.76
CA LYS B 180 -5.54 -6.16 -17.76
C LYS B 180 -5.99 -5.30 -18.93
N LYS B 181 -7.10 -5.67 -19.54
CA LYS B 181 -7.72 -4.78 -20.51
C LYS B 181 -8.57 -3.76 -19.73
N LEU B 182 -8.07 -2.53 -19.64
CA LEU B 182 -8.66 -1.50 -18.78
C LEU B 182 -9.93 -0.94 -19.42
N SER B 183 -10.88 -0.55 -18.57
CA SER B 183 -12.11 0.12 -19.01
C SER B 183 -12.69 1.01 -17.90
N PRO B 184 -13.34 2.13 -18.27
CA PRO B 184 -13.88 3.08 -17.28
C PRO B 184 -15.01 2.54 -16.39
N SER B 185 -15.64 1.45 -16.82
CA SER B 185 -16.73 0.81 -16.07
C SER B 185 -16.25 0.04 -14.85
N GLU B 186 -14.97 -0.32 -14.82
CA GLU B 186 -14.46 -1.15 -13.73
C GLU B 186 -13.22 -0.51 -13.13
N PRO B 187 -13.23 -0.28 -11.81
CA PRO B 187 -12.05 0.25 -11.15
C PRO B 187 -10.91 -0.78 -11.09
N ASN B 188 -9.71 -0.30 -10.77
CA ASN B 188 -8.51 -1.13 -10.80
C ASN B 188 -7.67 -0.93 -9.54
N VAL B 189 -6.78 -1.88 -9.24
CA VAL B 189 -5.82 -1.74 -8.13
C VAL B 189 -4.53 -1.06 -8.62
N ALA B 190 -3.63 -0.72 -7.70
CA ALA B 190 -2.32 -0.11 -8.03
C ALA B 190 -1.16 -1.05 -7.74
N TYR B 191 -1.18 -1.68 -6.56
CA TYR B 191 -0.09 -2.53 -6.10
C TYR B 191 0.45 -3.59 -7.09
N ILE B 192 -0.26 -3.85 -8.18
CA ILE B 192 0.20 -4.81 -9.19
C ILE B 192 1.53 -4.41 -9.82
N CYS B 193 1.68 -3.13 -10.18
CA CYS B 193 2.93 -2.63 -10.74
C CYS B 193 4.00 -2.54 -9.66
N SER B 194 5.17 -3.11 -9.94
CA SER B 194 6.31 -3.05 -9.04
C SER B 194 6.63 -1.59 -8.75
N ARG B 195 7.02 -1.32 -7.51
CA ARG B 195 7.03 0.02 -6.98
C ARG B 195 7.85 1.01 -7.79
N TYR B 196 9.09 0.63 -8.13
CA TYR B 196 10.04 1.57 -8.73
C TYR B 196 9.56 2.06 -10.06
N TYR B 197 8.66 1.30 -10.67
CA TYR B 197 8.18 1.58 -12.01
C TYR B 197 6.76 2.15 -12.00
N ARG B 198 6.26 2.50 -10.82
CA ARG B 198 4.88 3.00 -10.67
C ARG B 198 4.68 4.46 -11.09
N ALA B 199 3.79 4.68 -12.06
CA ALA B 199 3.43 6.02 -12.47
C ALA B 199 2.81 6.80 -11.32
N PRO B 200 2.98 8.14 -11.32
CA PRO B 200 2.40 9.01 -10.28
C PRO B 200 0.92 8.71 -9.97
N GLU B 201 0.08 8.53 -11.00
CA GLU B 201 -1.32 8.22 -10.74
C GLU B 201 -1.50 6.93 -9.94
N LEU B 202 -0.54 5.99 -10.04
CA LEU B 202 -0.60 4.76 -9.26
C LEU B 202 -0.12 4.97 -7.83
N ILE B 203 0.86 5.84 -7.66
CA ILE B 203 1.37 6.19 -6.32
C ILE B 203 0.26 6.90 -5.51
N PHE B 204 -0.58 7.65 -6.22
CA PHE B 204 -1.70 8.36 -5.60
C PHE B 204 -2.92 7.46 -5.36
N GLY B 205 -2.91 6.27 -5.95
CA GLY B 205 -3.97 5.29 -5.74
C GLY B 205 -5.18 5.54 -6.59
N ASN B 206 -5.03 6.21 -7.73
CA ASN B 206 -6.16 6.36 -8.64
C ASN B 206 -6.68 4.97 -8.97
N GLN B 207 -7.98 4.76 -8.77
CA GLN B 207 -8.63 3.48 -9.12
C GLN B 207 -8.85 3.42 -10.62
N HIS B 208 -8.96 4.59 -11.25
CA HIS B 208 -9.08 4.68 -12.70
C HIS B 208 -7.84 5.35 -13.28
N TYR B 209 -7.21 4.64 -14.22
CA TYR B 209 -6.03 5.12 -14.92
C TYR B 209 -6.00 4.52 -16.32
N THR B 210 -4.95 4.83 -17.08
CA THR B 210 -4.90 4.45 -18.48
C THR B 210 -3.62 3.66 -18.82
N THR B 211 -3.51 3.28 -20.09
CA THR B 211 -2.32 2.61 -20.64
C THR B 211 -1.01 3.43 -20.47
N ALA B 212 -1.16 4.75 -20.37
CA ALA B 212 -0.05 5.66 -20.13
C ALA B 212 0.78 5.25 -18.90
N VAL B 213 0.25 4.39 -18.04
CA VAL B 213 1.01 3.93 -16.87
C VAL B 213 2.22 3.07 -17.34
N ASP B 214 2.08 2.48 -18.53
CA ASP B 214 3.13 1.68 -19.16
C ASP B 214 4.16 2.56 -19.87
N ILE B 215 3.70 3.70 -20.44
CA ILE B 215 4.62 4.65 -21.05
C ILE B 215 5.59 5.13 -19.98
N TRP B 216 5.10 5.38 -18.77
CA TRP B 216 5.98 5.73 -17.63
C TRP B 216 7.02 4.67 -17.29
N SER B 217 6.56 3.43 -17.20
CA SER B 217 7.40 2.28 -16.85
C SER B 217 8.56 2.15 -17.80
N VAL B 218 8.24 2.23 -19.09
CA VAL B 218 9.22 2.20 -20.15
C VAL B 218 10.22 3.36 -19.99
N GLY B 219 9.72 4.54 -19.65
CA GLY B 219 10.56 5.69 -19.41
C GLY B 219 11.55 5.40 -18.29
N CYS B 220 11.06 4.69 -17.28
CA CYS B 220 11.87 4.32 -16.12
CA CYS B 220 11.89 4.34 -16.12
C CYS B 220 12.97 3.32 -16.51
N ILE B 221 12.66 2.46 -17.48
CA ILE B 221 13.63 1.45 -17.93
C ILE B 221 14.69 2.12 -18.80
N PHE B 222 14.27 3.00 -19.71
CA PHE B 222 15.24 3.80 -20.50
C PHE B 222 16.28 4.44 -19.60
N ALA B 223 15.81 5.12 -18.57
CA ALA B 223 16.70 5.75 -17.60
C ALA B 223 17.58 4.75 -16.85
N GLU B 224 17.03 3.58 -16.56
CA GLU B 224 17.77 2.49 -15.92
C GLU B 224 18.84 1.90 -16.83
N MET B 225 18.54 1.75 -18.14
CA MET B 225 19.54 1.34 -19.14
C MET B 225 20.76 2.30 -19.18
N MET B 226 20.56 3.58 -18.88
N MET B 226 20.56 3.58 -18.88
CA MET B 226 21.63 4.60 -18.92
CA MET B 226 21.63 4.60 -18.92
C MET B 226 22.27 4.85 -17.55
C MET B 226 22.25 4.86 -17.55
N LEU B 227 21.59 4.43 -16.48
CA LEU B 227 22.09 4.69 -15.12
C LEU B 227 22.79 3.48 -14.50
N GLY B 228 22.28 2.27 -14.78
CA GLY B 228 22.82 1.07 -14.13
C GLY B 228 22.22 0.75 -12.78
N GLU B 229 21.14 1.44 -12.44
CA GLU B 229 20.27 1.08 -11.33
C GLU B 229 18.90 1.74 -11.57
N PRO B 230 17.88 1.34 -10.81
CA PRO B 230 16.56 1.97 -10.98
C PRO B 230 16.60 3.48 -10.65
N ILE B 231 15.96 4.29 -11.48
CA ILE B 231 16.03 5.76 -11.36
C ILE B 231 15.25 6.31 -10.14
N PHE B 232 14.08 5.73 -9.86
CA PHE B 232 13.27 6.16 -8.73
C PHE B 232 13.13 5.00 -7.76
N ARG B 233 13.91 5.02 -6.68
CA ARG B 233 13.91 3.92 -5.71
C ARG B 233 13.35 4.29 -4.34
N GLY B 234 12.03 4.19 -4.21
CA GLY B 234 11.34 4.45 -2.96
C GLY B 234 11.40 3.24 -2.05
N ASP B 235 11.57 3.47 -0.76
CA ASP B 235 11.44 2.42 0.26
C ASP B 235 9.98 2.28 0.66
N ASN B 236 9.16 3.24 0.25
CA ASN B 236 7.74 3.26 0.52
C ASN B 236 7.04 4.08 -0.57
N SER B 237 5.71 4.10 -0.55
CA SER B 237 4.91 4.85 -1.51
C SER B 237 5.20 6.34 -1.48
N ALA B 238 5.32 6.88 -0.27
CA ALA B 238 5.68 8.28 -0.11
C ALA B 238 7.08 8.50 -0.68
N GLY B 239 8.01 7.59 -0.34
CA GLY B 239 9.40 7.66 -0.79
C GLY B 239 9.56 7.57 -2.30
N GLN B 240 8.66 6.84 -2.93
CA GLN B 240 8.66 6.73 -4.37
C GLN B 240 8.32 8.08 -5.02
N LEU B 241 7.38 8.82 -4.43
CA LEU B 241 7.06 10.15 -4.92
C LEU B 241 8.21 11.11 -4.64
N HIS B 242 8.77 11.01 -3.44
CA HIS B 242 9.91 11.81 -3.04
C HIS B 242 11.04 11.76 -4.09
N GLU B 243 11.41 10.55 -4.49
CA GLU B 243 12.46 10.33 -5.50
C GLU B 243 12.10 10.86 -6.87
N ILE B 244 10.83 10.73 -7.28
CA ILE B 244 10.40 11.33 -8.55
C ILE B 244 10.54 12.84 -8.49
N VAL B 245 10.04 13.45 -7.42
CA VAL B 245 10.08 14.92 -7.26
C VAL B 245 11.52 15.46 -7.19
N ARG B 246 12.38 14.74 -6.45
CA ARG B 246 13.81 15.05 -6.35
C ARG B 246 14.43 15.33 -7.73
N VAL B 247 13.98 14.60 -8.75
CA VAL B 247 14.53 14.68 -10.09
C VAL B 247 13.67 15.56 -11.00
N LEU B 248 12.37 15.30 -11.05
CA LEU B 248 11.48 16.01 -11.98
C LEU B 248 11.02 17.36 -11.45
N GLY B 249 11.31 17.64 -10.17
CA GLY B 249 10.91 18.89 -9.56
C GLY B 249 9.45 18.89 -9.16
N CYS B 250 9.04 19.94 -8.44
CA CYS B 250 7.68 20.06 -7.93
C CYS B 250 6.65 19.90 -9.05
N PRO B 251 5.61 19.09 -8.81
CA PRO B 251 4.57 18.97 -9.83
C PRO B 251 3.70 20.22 -9.84
N SER B 252 3.10 20.52 -10.99
CA SER B 252 2.22 21.68 -11.09
C SER B 252 0.97 21.48 -10.25
N ARG B 253 0.25 22.58 -10.01
CA ARG B 253 -1.03 22.54 -9.28
C ARG B 253 -2.05 21.70 -10.06
N GLU B 254 -2.01 21.81 -11.40
CA GLU B 254 -2.82 20.99 -12.29
C GLU B 254 -2.57 19.49 -12.05
N VAL B 255 -1.29 19.13 -11.93
CA VAL B 255 -0.92 17.73 -11.72
C VAL B 255 -1.57 17.24 -10.44
N LEU B 256 -1.36 17.97 -9.34
CA LEU B 256 -1.96 17.60 -8.08
C LEU B 256 -3.48 17.70 -8.15
N ARG B 257 -4.01 18.75 -8.75
CA ARG B 257 -5.45 18.84 -8.94
C ARG B 257 -6.02 17.61 -9.66
N LYS B 258 -5.33 17.13 -10.69
CA LYS B 258 -5.86 16.03 -11.51
C LYS B 258 -5.58 14.62 -10.97
N LEU B 259 -4.52 14.46 -10.18
CA LEU B 259 -4.08 13.14 -9.71
C LEU B 259 -4.19 12.99 -8.20
N ASN B 260 -4.13 14.09 -7.47
CA ASN B 260 -4.23 14.06 -6.03
C ASN B 260 -5.03 15.28 -5.50
N PRO B 261 -6.32 15.37 -5.90
CA PRO B 261 -7.22 16.50 -5.58
C PRO B 261 -7.27 16.98 -4.14
N SER B 262 -7.03 16.10 -3.16
CA SER B 262 -7.10 16.48 -1.76
C SER B 262 -5.81 17.07 -1.22
N HIS B 263 -4.73 16.96 -1.99
CA HIS B 263 -3.40 17.37 -1.50
C HIS B 263 -2.62 18.19 -2.54
N THR B 264 -3.06 19.42 -2.76
CA THR B 264 -2.54 20.26 -3.84
C THR B 264 -1.57 21.36 -3.38
N ASP B 265 -1.25 21.42 -2.09
CA ASP B 265 -0.30 22.40 -1.59
C ASP B 265 1.09 22.11 -2.19
N VAL B 266 1.51 22.93 -3.15
CA VAL B 266 2.78 22.73 -3.87
C VAL B 266 4.00 23.12 -3.04
N ASP B 267 3.80 23.93 -2.01
CA ASP B 267 4.90 24.41 -1.15
C ASP B 267 5.67 23.28 -0.48
N LEU B 268 4.99 22.17 -0.19
CA LEU B 268 5.63 21.03 0.48
C LEU B 268 6.74 20.42 -0.38
N TYR B 269 6.57 20.46 -1.69
CA TYR B 269 7.54 19.93 -2.64
C TYR B 269 8.45 21.03 -3.19
N ASN B 270 9.31 21.60 -2.32
CA ASN B 270 10.21 22.69 -2.72
C ASN B 270 11.47 22.17 -3.42
N SER B 271 11.30 21.68 -4.65
CA SER B 271 12.39 21.10 -5.43
C SER B 271 12.33 21.57 -6.87
N LYS B 272 13.47 22.05 -7.37
CA LYS B 272 13.60 22.47 -8.77
C LYS B 272 13.94 21.28 -9.70
N GLY B 273 14.25 20.14 -9.10
CA GLY B 273 14.65 18.95 -9.84
C GLY B 273 16.15 18.92 -10.08
N ILE B 274 16.62 17.86 -10.73
CA ILE B 274 18.02 17.67 -11.11
C ILE B 274 18.03 17.38 -12.62
N PRO B 275 18.90 18.08 -13.38
CA PRO B 275 18.94 17.86 -14.82
C PRO B 275 19.50 16.48 -15.15
N TRP B 276 19.06 15.90 -16.27
CA TRP B 276 19.46 14.54 -16.65
C TRP B 276 20.97 14.42 -16.79
N SER B 277 21.60 15.46 -17.29
CA SER B 277 23.06 15.49 -17.45
C SER B 277 23.77 15.30 -16.12
N ASN B 278 23.15 15.70 -15.00
CA ASN B 278 23.73 15.44 -13.66
C ASN B 278 23.31 14.10 -13.08
N VAL B 279 22.21 13.54 -13.56
CA VAL B 279 21.74 12.24 -13.10
C VAL B 279 22.66 11.15 -13.65
N PHE B 280 22.90 11.20 -14.97
CA PHE B 280 23.73 10.27 -15.69
C PHE B 280 25.20 10.74 -15.77
N SER B 281 25.69 11.36 -14.69
CA SER B 281 27.06 11.86 -14.60
C SER B 281 28.10 10.79 -14.93
N ASP B 282 28.01 9.69 -14.20
CA ASP B 282 29.09 8.70 -14.12
C ASP B 282 29.32 7.88 -15.40
N HIS B 283 28.29 7.80 -16.25
CA HIS B 283 28.43 7.15 -17.55
C HIS B 283 27.98 8.13 -18.61
N SER B 284 28.73 9.21 -18.72
CA SER B 284 28.46 10.27 -19.69
C SER B 284 28.52 9.74 -21.12
N LEU B 285 27.44 9.97 -21.87
CA LEU B 285 27.36 9.65 -23.29
C LEU B 285 27.51 10.99 -24.03
N LYS B 286 27.47 10.98 -25.36
CA LYS B 286 27.35 12.26 -26.08
C LYS B 286 26.50 12.22 -27.37
N ASP B 287 25.61 11.23 -27.46
CA ASP B 287 24.38 11.33 -28.26
C ASP B 287 23.29 11.77 -27.25
N ALA B 288 23.75 12.43 -26.17
CA ALA B 288 22.98 12.56 -24.92
C ALA B 288 21.76 13.44 -25.02
N LYS B 289 21.86 14.55 -25.76
CA LYS B 289 20.75 15.50 -25.79
C LYS B 289 19.49 14.89 -26.42
N GLU B 290 19.64 14.06 -27.45
CA GLU B 290 18.48 13.35 -28.02
C GLU B 290 17.90 12.34 -27.01
N ALA B 291 18.77 11.66 -26.26
CA ALA B 291 18.32 10.67 -25.28
C ALA B 291 17.58 11.35 -24.11
N TYR B 292 18.11 12.46 -23.63
CA TYR B 292 17.52 13.15 -22.50
C TYR B 292 16.21 13.83 -22.90
N ASP B 293 16.15 14.30 -24.12
CA ASP B 293 14.94 14.85 -24.65
C ASP B 293 13.84 13.78 -24.68
N LEU B 294 14.15 12.60 -25.19
CA LEU B 294 13.19 11.48 -25.24
C LEU B 294 12.79 11.01 -23.85
N LEU B 295 13.76 10.90 -22.94
CA LEU B 295 13.45 10.50 -21.58
C LEU B 295 12.42 11.47 -20.97
N SER B 296 12.66 12.78 -21.10
CA SER B 296 11.75 13.80 -20.58
C SER B 296 10.36 13.75 -21.20
N ALA B 297 10.28 13.35 -22.46
CA ALA B 297 8.99 13.19 -23.15
C ALA B 297 8.12 12.06 -22.56
N LEU B 298 8.78 11.04 -22.01
CA LEU B 298 8.12 9.86 -21.50
C LEU B 298 7.80 10.01 -20.02
N LEU B 299 8.76 10.54 -19.27
CA LEU B 299 8.58 10.72 -17.84
C LEU B 299 7.94 12.08 -17.53
N GLN B 300 6.69 12.23 -17.94
CA GLN B 300 5.86 13.40 -17.66
C GLN B 300 4.91 13.04 -16.53
N TYR B 301 4.67 13.97 -15.61
CA TYR B 301 3.71 13.72 -14.52
C TYR B 301 2.29 13.46 -15.04
N LEU B 302 1.84 14.28 -15.98
CA LEU B 302 0.48 14.13 -16.50
C LEU B 302 0.45 12.96 -17.46
N PRO B 303 -0.36 11.95 -17.14
CA PRO B 303 -0.51 10.77 -17.98
C PRO B 303 -0.73 11.10 -19.45
N GLU B 304 -1.62 12.06 -19.70
CA GLU B 304 -2.04 12.41 -21.06
C GLU B 304 -0.97 13.13 -21.89
N GLU B 305 0.05 13.64 -21.20
CA GLU B 305 1.14 14.40 -21.81
C GLU B 305 2.34 13.54 -22.19
N ARG B 306 2.42 12.34 -21.61
CA ARG B 306 3.47 11.41 -21.94
C ARG B 306 3.39 11.09 -23.41
N MET B 307 4.54 11.12 -24.10
CA MET B 307 4.59 10.88 -25.53
C MET B 307 4.08 9.48 -25.85
N LYS B 308 3.17 9.38 -26.82
CA LYS B 308 2.55 8.10 -27.17
C LYS B 308 3.56 7.25 -27.93
N PRO B 309 3.54 5.92 -27.73
CA PRO B 309 4.53 5.05 -28.37
C PRO B 309 4.81 5.34 -29.85
N TYR B 310 3.81 5.39 -30.72
CA TYR B 310 4.07 5.62 -32.15
C TYR B 310 4.65 7.00 -32.50
N GLU B 311 4.47 7.99 -31.62
CA GLU B 311 5.17 9.26 -31.72
C GLU B 311 6.60 9.16 -31.21
N ALA B 312 6.76 8.47 -30.08
CA ALA B 312 8.07 8.26 -29.51
C ALA B 312 9.01 7.50 -30.49
N LEU B 313 8.45 6.63 -31.32
CA LEU B 313 9.22 5.88 -32.30
C LEU B 313 9.78 6.80 -33.40
N CYS B 314 9.14 7.95 -33.62
CA CYS B 314 9.57 8.93 -34.63
C CYS B 314 10.54 9.97 -34.08
N HIS B 315 10.81 9.92 -32.78
CA HIS B 315 11.67 10.88 -32.15
C HIS B 315 13.02 10.86 -32.86
N PRO B 316 13.75 12.01 -32.87
CA PRO B 316 15.06 12.01 -33.56
C PRO B 316 16.09 11.02 -33.03
N TYR B 317 16.03 10.70 -31.73
CA TYR B 317 16.92 9.69 -31.11
C TYR B 317 17.03 8.38 -31.87
N PHE B 318 15.97 7.99 -32.58
CA PHE B 318 15.95 6.75 -33.36
C PHE B 318 16.28 6.93 -34.84
N ASP B 319 16.79 8.10 -35.23
CA ASP B 319 17.09 8.34 -36.65
C ASP B 319 18.13 7.34 -37.15
N GLU B 320 19.16 7.12 -36.34
CA GLU B 320 20.23 6.16 -36.64
C GLU B 320 19.76 4.75 -37.02
N LEU B 321 18.65 4.29 -36.44
CA LEU B 321 18.17 2.94 -36.69
C LEU B 321 17.64 2.74 -38.14
N HIS B 322 17.43 3.83 -38.86
CA HIS B 322 16.95 3.78 -40.24
C HIS B 322 18.07 3.60 -41.27
N ASP B 323 19.32 3.80 -40.83
CA ASP B 323 20.46 3.68 -41.72
C ASP B 323 20.88 2.22 -41.87
N PRO B 324 20.78 1.66 -43.11
CA PRO B 324 21.19 0.27 -43.38
C PRO B 324 22.63 -0.02 -42.98
N ALA B 325 23.44 1.03 -42.91
CA ALA B 325 24.81 0.92 -42.44
C ALA B 325 24.96 0.81 -40.91
N THR B 326 23.89 1.05 -40.14
CA THR B 326 23.98 0.87 -38.68
C THR B 326 23.94 -0.61 -38.34
N LYS B 327 24.76 -1.02 -37.37
CA LYS B 327 24.94 -2.42 -36.99
C LYS B 327 24.89 -2.54 -35.48
N LEU B 328 24.63 -3.75 -35.00
CA LEU B 328 24.66 -4.02 -33.56
C LEU B 328 26.13 -4.02 -33.20
N PRO B 329 26.45 -3.99 -31.90
CA PRO B 329 27.87 -3.96 -31.52
C PRO B 329 28.70 -5.14 -32.05
N ASN B 330 28.05 -6.25 -32.40
CA ASN B 330 28.72 -7.43 -32.94
C ASN B 330 28.82 -7.42 -34.47
N ASN B 331 28.46 -6.30 -35.08
CA ASN B 331 28.48 -6.10 -36.54
C ASN B 331 27.44 -6.84 -37.34
N LYS B 332 26.45 -7.41 -36.65
CA LYS B 332 25.32 -8.02 -37.31
C LYS B 332 24.35 -6.92 -37.71
N ASP B 333 23.61 -7.16 -38.79
CA ASP B 333 22.55 -6.27 -39.20
C ASP B 333 21.57 -6.03 -38.03
N LEU B 334 20.86 -4.91 -38.08
CA LEU B 334 19.80 -4.65 -37.09
C LEU B 334 18.66 -5.65 -37.30
N PRO B 335 17.87 -5.91 -36.24
CA PRO B 335 16.78 -6.85 -36.34
C PRO B 335 15.92 -6.72 -37.60
N GLU B 336 15.77 -7.82 -38.30
CA GLU B 336 14.99 -7.95 -39.53
C GLU B 336 13.60 -7.32 -39.45
N ASP B 337 12.88 -7.60 -38.37
CA ASP B 337 11.51 -7.12 -38.14
C ASP B 337 11.39 -5.77 -37.39
N LEU B 338 12.48 -5.02 -37.30
CA LEU B 338 12.49 -3.73 -36.60
C LEU B 338 11.42 -2.78 -37.14
N PHE B 339 11.27 -2.73 -38.46
CA PHE B 339 10.29 -1.83 -39.10
C PHE B 339 9.19 -2.59 -39.85
N ARG B 340 9.03 -3.87 -39.54
CA ARG B 340 7.89 -4.64 -40.04
C ARG B 340 6.74 -4.47 -39.02
N PHE B 341 5.78 -3.60 -39.36
CA PHE B 341 4.62 -3.33 -38.52
C PHE B 341 3.40 -4.17 -38.97
N LEU B 342 2.67 -4.73 -38.00
CA LEU B 342 1.43 -5.46 -38.32
C LEU B 342 0.37 -4.47 -38.86
N PRO B 343 -0.56 -4.93 -39.73
CA PRO B 343 -1.65 -4.08 -40.24
C PRO B 343 -2.48 -3.44 -39.12
N ASN B 344 -2.70 -4.22 -38.07
CA ASN B 344 -3.16 -3.77 -36.75
C ASN B 344 -2.63 -2.35 -36.43
N GLU B 345 -1.32 -2.19 -36.62
CA GLU B 345 -0.59 -0.97 -36.23
C GLU B 345 -0.63 0.12 -37.29
N ILE B 346 -0.50 -0.28 -38.55
CA ILE B 346 -0.49 0.67 -39.64
C ILE B 346 -1.82 1.44 -39.77
N GLU B 347 -2.93 0.76 -39.46
CA GLU B 347 -4.28 1.38 -39.55
C GLU B 347 -4.46 2.47 -38.49
N VAL B 348 -3.79 2.32 -37.36
CA VAL B 348 -3.82 3.31 -36.29
C VAL B 348 -2.89 4.51 -36.54
N MET B 349 -1.79 4.30 -37.27
CA MET B 349 -0.78 5.36 -37.49
C MET B 349 -1.28 6.55 -38.28
N SER B 350 -0.78 7.73 -37.90
CA SER B 350 -1.02 8.95 -38.65
C SER B 350 -0.20 8.88 -39.94
N GLU B 351 -0.41 9.82 -40.85
CA GLU B 351 0.33 9.82 -42.11
C GLU B 351 1.81 10.15 -41.89
N ALA B 352 2.08 11.08 -40.98
CA ALA B 352 3.46 11.44 -40.61
C ALA B 352 4.21 10.23 -40.04
N GLN B 353 3.52 9.47 -39.20
CA GLN B 353 4.08 8.27 -38.59
C GLN B 353 4.32 7.19 -39.63
N LYS B 354 3.31 6.90 -40.46
CA LYS B 354 3.47 5.95 -41.56
C LYS B 354 4.66 6.34 -42.44
N ALA B 355 4.77 7.63 -42.74
CA ALA B 355 5.84 8.14 -43.60
C ALA B 355 7.22 7.80 -43.05
N LYS B 356 7.45 8.07 -41.77
CA LYS B 356 8.74 7.80 -41.16
C LYS B 356 9.02 6.32 -40.87
N LEU B 357 7.97 5.54 -40.60
CA LEU B 357 8.13 4.19 -40.03
C LEU B 357 7.98 3.03 -41.03
N VAL B 358 6.93 3.09 -41.85
CA VAL B 358 6.61 2.01 -42.77
C VAL B 358 7.33 2.19 -44.10
#